data_4WOY
#
_entry.id   4WOY
#
_cell.length_a   100.674
_cell.length_b   153.390
_cell.length_c   109.015
_cell.angle_alpha   90.00
_cell.angle_beta   90.00
_cell.angle_gamma   90.00
#
_symmetry.space_group_name_H-M   'C 2 2 21'
#
loop_
_entity.id
_entity.type
_entity.pdbx_description
1 polymer 'Mitochondrial dynamics protein MID49'
2 water water
#
_entity_poly.entity_id   1
_entity_poly.type   'polypeptide(L)'
_entity_poly.pdbx_seq_one_letter_code
;TFQERLLAFERKHVITPEAHVTLAKQLAGDIALELQAYLRSKFPELPFGALVPGGPLYDGLQAGTAEHVRLLAPLELEPG
LWSLVPGVDTVAAEPRCWAVRRTQLEFHPRGCSPWDRFLVGGYLSSRVLLELLRKALSASVNWPAIGSLLGCLIWPDVAS
EELLLKVQHECLEFTLAVLMVVPGASTDDRLLLAWPLEGLASNLWLQDLYPVETARLRALDDQDAGTRRRLLLLLCGICR
GHPALVRLGWSHLTQVVLHLGEEEVAWTEEALGERFLQALEFLVGSLEQASLPCHFNPSVNLLGNFREEEIDDIGYVLYS
GLQVPESLF
;
_entity_poly.pdbx_strand_id   A,B
#
# COMPACT_ATOMS: atom_id res chain seq x y z
N THR A 1 -23.68 -12.64 -4.38
CA THR A 1 -22.37 -12.15 -4.78
C THR A 1 -22.37 -10.64 -4.99
N PHE A 2 -21.15 -10.13 -5.02
CA PHE A 2 -20.86 -8.72 -4.94
C PHE A 2 -21.46 -7.88 -6.06
N GLN A 3 -21.36 -8.39 -7.28
CA GLN A 3 -21.77 -7.66 -8.46
C GLN A 3 -23.25 -7.28 -8.36
N GLU A 4 -24.07 -8.22 -7.90
CA GLU A 4 -25.52 -8.00 -7.82
C GLU A 4 -25.85 -6.88 -6.82
N ARG A 5 -25.22 -6.94 -5.65
CA ARG A 5 -25.49 -5.95 -4.61
C ARG A 5 -24.97 -4.59 -5.04
N LEU A 6 -23.91 -4.58 -5.82
CA LEU A 6 -23.34 -3.34 -6.29
C LEU A 6 -24.29 -2.67 -7.25
N LEU A 7 -24.84 -3.46 -8.17
CA LEU A 7 -25.79 -2.96 -9.17
C LEU A 7 -27.05 -2.49 -8.48
N ALA A 8 -27.45 -3.23 -7.44
CA ALA A 8 -28.62 -2.90 -6.66
C ALA A 8 -28.46 -1.56 -5.92
N PHE A 9 -27.31 -1.36 -5.28
CA PHE A 9 -27.00 -0.10 -4.62
C PHE A 9 -27.00 1.06 -5.62
N GLU A 10 -26.37 0.83 -6.76
CA GLU A 10 -26.30 1.84 -7.80
C GLU A 10 -27.74 2.20 -8.23
N ARG A 11 -28.55 1.16 -8.41
CA ARG A 11 -29.93 1.32 -8.85
C ARG A 11 -30.68 2.20 -7.83
N LYS A 12 -30.52 1.85 -6.56
CA LYS A 12 -31.27 2.48 -5.47
C LYS A 12 -30.74 3.82 -4.94
N HIS A 13 -29.41 4.02 -4.92
CA HIS A 13 -28.87 5.21 -4.25
C HIS A 13 -27.95 6.06 -5.11
N VAL A 14 -27.63 5.60 -6.31
CA VAL A 14 -26.83 6.42 -7.18
C VAL A 14 -27.62 7.01 -8.35
N ILE A 15 -28.33 6.17 -9.09
CA ILE A 15 -28.99 6.61 -10.33
C ILE A 15 -30.15 7.54 -10.05
N THR A 16 -30.21 8.65 -10.78
CA THR A 16 -31.22 9.69 -10.57
C THR A 16 -32.29 9.63 -11.66
N PRO A 17 -33.56 9.64 -11.25
CA PRO A 17 -34.71 9.60 -12.19
C PRO A 17 -34.64 10.72 -13.22
N GLU A 18 -34.88 10.44 -14.50
CA GLU A 18 -34.60 11.45 -15.52
C GLU A 18 -35.48 12.69 -15.43
N ALA A 19 -36.67 12.54 -14.86
CA ALA A 19 -37.52 13.70 -14.63
C ALA A 19 -36.83 14.69 -13.70
N HIS A 20 -36.16 14.17 -12.68
CA HIS A 20 -35.49 15.03 -11.72
C HIS A 20 -34.26 15.70 -12.35
N VAL A 21 -33.56 14.97 -13.21
CA VAL A 21 -32.39 15.53 -13.91
C VAL A 21 -32.83 16.64 -14.86
N THR A 22 -33.88 16.37 -15.62
CA THR A 22 -34.41 17.35 -16.58
C THR A 22 -34.91 18.61 -15.91
N LEU A 23 -35.56 18.42 -14.77
CA LEU A 23 -36.12 19.51 -13.96
C LEU A 23 -35.03 20.39 -13.34
N ALA A 24 -33.99 19.73 -12.86
CA ALA A 24 -32.92 20.40 -12.18
C ALA A 24 -32.15 21.32 -13.15
N LYS A 25 -31.84 20.79 -14.33
CA LYS A 25 -31.19 21.58 -15.36
C LYS A 25 -32.09 22.75 -15.75
N GLN A 26 -33.39 22.53 -15.75
CA GLN A 26 -34.29 23.59 -16.15
C GLN A 26 -34.23 24.77 -15.16
N LEU A 27 -34.37 24.47 -13.86
CA LEU A 27 -34.33 25.52 -12.85
C LEU A 27 -32.97 26.21 -12.82
N ALA A 28 -31.90 25.43 -12.77
CA ALA A 28 -30.54 25.96 -12.74
C ALA A 28 -30.23 26.82 -13.98
N GLY A 29 -30.72 26.39 -15.13
CA GLY A 29 -30.54 27.13 -16.35
C GLY A 29 -31.27 28.44 -16.25
N ASP A 30 -32.49 28.39 -15.73
CA ASP A 30 -33.34 29.58 -15.64
C ASP A 30 -32.87 30.57 -14.58
N ILE A 31 -32.40 30.05 -13.45
CA ILE A 31 -31.82 30.89 -12.41
C ILE A 31 -30.60 31.63 -12.96
N ALA A 32 -29.82 30.96 -13.80
CA ALA A 32 -28.62 31.59 -14.36
C ALA A 32 -28.95 32.81 -15.22
N LEU A 33 -29.98 32.68 -16.05
CA LEU A 33 -30.36 33.77 -16.95
C LEU A 33 -30.90 34.97 -16.21
N GLU A 34 -31.66 34.74 -15.14
CA GLU A 34 -32.16 35.81 -14.25
C GLU A 34 -31.01 36.49 -13.49
N LEU A 35 -30.14 35.68 -12.92
CA LEU A 35 -28.98 36.19 -12.21
C LEU A 35 -28.05 36.94 -13.17
N GLN A 36 -27.92 36.43 -14.39
CA GLN A 36 -27.10 37.12 -15.39
C GLN A 36 -27.71 38.47 -15.75
N ALA A 37 -29.03 38.49 -15.88
CA ALA A 37 -29.71 39.71 -16.23
C ALA A 37 -29.45 40.74 -15.14
N TYR A 38 -29.49 40.30 -13.89
CA TYR A 38 -29.19 41.19 -12.77
C TYR A 38 -27.79 41.75 -12.85
N LEU A 39 -26.82 40.88 -13.09
CA LEU A 39 -25.42 41.28 -13.06
C LEU A 39 -25.12 42.28 -14.16
N ARG A 40 -25.64 42.02 -15.35
CA ARG A 40 -25.46 42.91 -16.48
C ARG A 40 -26.14 44.24 -16.27
N SER A 41 -27.27 44.20 -15.58
CA SER A 41 -28.04 45.41 -15.32
C SER A 41 -27.36 46.30 -14.29
N LYS A 42 -26.90 45.68 -13.21
CA LYS A 42 -26.29 46.38 -12.08
C LYS A 42 -24.79 46.68 -12.23
N PHE A 43 -24.07 45.83 -12.96
CA PHE A 43 -22.64 46.00 -13.14
C PHE A 43 -22.20 45.90 -14.59
N PRO A 44 -22.74 46.78 -15.45
CA PRO A 44 -22.38 46.75 -16.87
C PRO A 44 -20.90 47.08 -17.10
N GLU A 45 -20.27 47.83 -16.20
CA GLU A 45 -18.85 48.14 -16.31
C GLU A 45 -17.94 46.90 -16.01
N LEU A 46 -18.49 45.87 -15.39
CA LEU A 46 -17.70 44.67 -15.11
C LEU A 46 -17.97 43.61 -16.18
N PRO A 47 -16.94 43.33 -17.02
CA PRO A 47 -17.13 42.43 -18.16
C PRO A 47 -17.03 40.96 -17.75
N PHE A 48 -18.12 40.45 -17.18
CA PHE A 48 -18.31 39.03 -16.97
C PHE A 48 -18.87 38.42 -18.26
N GLY A 49 -18.50 37.19 -18.54
CA GLY A 49 -19.12 36.46 -19.63
C GLY A 49 -20.45 35.93 -19.14
N ALA A 50 -21.18 35.27 -20.03
CA ALA A 50 -22.45 34.64 -19.69
C ALA A 50 -22.28 33.58 -18.60
N LEU A 51 -23.24 33.52 -17.69
CA LEU A 51 -23.20 32.51 -16.65
C LEU A 51 -23.40 31.14 -17.28
N VAL A 52 -22.54 30.20 -16.91
CA VAL A 52 -22.61 28.83 -17.41
C VAL A 52 -22.87 27.83 -16.28
N PRO A 53 -24.03 27.17 -16.31
CA PRO A 53 -24.29 26.09 -15.37
C PRO A 53 -23.54 24.83 -15.78
N GLY A 54 -23.07 24.09 -14.78
CA GLY A 54 -22.27 22.91 -15.04
C GLY A 54 -22.11 22.08 -13.78
N GLY A 55 -21.21 21.10 -13.85
CA GLY A 55 -20.99 20.15 -12.78
C GLY A 55 -21.52 18.77 -13.15
N PRO A 56 -21.44 17.83 -12.20
CA PRO A 56 -21.83 16.43 -12.42
C PRO A 56 -23.27 16.28 -12.90
N LEU A 57 -24.14 17.22 -12.56
CA LEU A 57 -25.51 17.16 -13.06
C LEU A 57 -25.54 17.22 -14.59
N TYR A 58 -24.70 18.10 -15.15
CA TYR A 58 -24.62 18.29 -16.59
C TYR A 58 -23.68 17.34 -17.31
N ASP A 59 -22.63 16.89 -16.64
CA ASP A 59 -21.60 16.14 -17.34
C ASP A 59 -21.86 14.66 -17.26
N GLY A 60 -22.55 14.16 -18.28
CA GLY A 60 -23.00 12.79 -18.29
C GLY A 60 -24.14 12.64 -17.30
N LEU A 61 -24.92 11.58 -17.51
CA LEU A 61 -26.00 11.24 -16.61
C LEU A 61 -25.59 9.94 -15.90
N GLN A 62 -26.29 9.54 -14.84
CA GLN A 62 -27.41 10.27 -14.27
C GLN A 62 -27.05 10.70 -12.85
N ALA A 63 -26.09 11.61 -12.77
CA ALA A 63 -25.53 12.07 -11.50
C ALA A 63 -26.57 12.79 -10.66
N GLY A 64 -27.42 13.56 -11.32
CA GLY A 64 -28.41 14.34 -10.61
C GLY A 64 -27.81 15.51 -9.84
N THR A 65 -28.37 15.73 -8.66
CA THR A 65 -28.02 16.90 -7.85
C THR A 65 -27.36 16.48 -6.54
N ALA A 66 -26.71 15.33 -6.53
CA ALA A 66 -25.99 14.85 -5.35
C ALA A 66 -24.92 15.84 -4.97
N GLU A 67 -24.21 16.32 -5.99
CA GLU A 67 -23.20 17.36 -5.82
C GLU A 67 -23.79 18.73 -6.10
N HIS A 68 -23.02 19.76 -5.75
CA HIS A 68 -23.38 21.12 -6.12
C HIS A 68 -23.51 21.23 -7.63
N VAL A 69 -24.29 22.21 -8.04
CA VAL A 69 -24.39 22.57 -9.44
C VAL A 69 -23.56 23.85 -9.62
N ARG A 70 -22.55 23.77 -10.48
CA ARG A 70 -21.67 24.92 -10.68
C ARG A 70 -22.34 25.99 -11.55
N LEU A 71 -22.29 27.22 -11.08
CA LEU A 71 -22.72 28.36 -11.85
C LEU A 71 -21.45 29.22 -12.07
N LEU A 72 -20.90 29.10 -13.28
CA LEU A 72 -19.64 29.75 -13.63
C LEU A 72 -19.91 31.15 -14.13
N ALA A 73 -19.25 32.13 -13.53
CA ALA A 73 -19.28 33.52 -13.98
C ALA A 73 -17.86 33.94 -14.39
N PRO A 74 -17.54 33.83 -15.69
CA PRO A 74 -16.16 34.09 -16.15
C PRO A 74 -15.82 35.57 -16.22
N LEU A 75 -14.70 35.94 -15.60
CA LEU A 75 -14.16 37.28 -15.74
C LEU A 75 -13.53 37.38 -17.10
N GLU A 76 -13.75 38.50 -17.80
CA GLU A 76 -13.03 38.70 -19.05
C GLU A 76 -11.86 39.62 -18.79
N LEU A 77 -10.67 39.04 -18.66
CA LEU A 77 -9.48 39.84 -18.39
C LEU A 77 -8.83 40.37 -19.68
N GLU A 78 -8.36 41.61 -19.67
CA GLU A 78 -7.61 42.14 -20.82
C GLU A 78 -6.37 41.29 -21.10
N PRO A 79 -6.22 40.84 -22.35
CA PRO A 79 -5.07 39.98 -22.68
C PRO A 79 -3.71 40.65 -22.45
N GLY A 80 -2.85 39.99 -21.68
CA GLY A 80 -1.52 40.50 -21.41
C GLY A 80 -1.41 41.56 -20.34
N LEU A 81 -2.54 41.94 -19.75
CA LEU A 81 -2.56 42.91 -18.66
C LEU A 81 -2.46 42.18 -17.34
N TRP A 82 -2.59 40.86 -17.41
CA TRP A 82 -2.67 40.01 -16.22
C TRP A 82 -1.85 38.77 -16.44
N SER A 83 -1.22 38.32 -15.36
CA SER A 83 -0.28 37.20 -15.41
C SER A 83 -0.57 36.25 -14.27
N LEU A 84 -0.30 34.98 -14.44
CA LEU A 84 -0.56 34.00 -13.41
C LEU A 84 0.67 33.73 -12.63
N VAL A 85 0.51 33.63 -11.32
CA VAL A 85 1.59 33.22 -10.47
C VAL A 85 1.10 32.05 -9.62
N PRO A 86 1.74 30.89 -9.78
CA PRO A 86 1.33 29.71 -9.00
C PRO A 86 1.53 29.91 -7.51
N GLY A 87 0.53 29.55 -6.70
CA GLY A 87 0.58 29.80 -5.27
C GLY A 87 1.82 29.23 -4.57
N VAL A 88 2.37 28.16 -5.12
CA VAL A 88 3.53 27.53 -4.51
C VAL A 88 4.78 28.43 -4.63
N ASP A 89 4.72 29.44 -5.48
CA ASP A 89 5.82 30.38 -5.68
C ASP A 89 5.58 31.74 -5.03
N THR A 90 4.42 31.91 -4.40
CA THR A 90 4.18 33.10 -3.62
C THR A 90 4.61 32.89 -2.16
N VAL A 91 4.51 33.92 -1.32
CA VAL A 91 4.89 33.82 0.08
C VAL A 91 3.96 32.90 0.91
N ALA A 92 2.68 32.84 0.55
CA ALA A 92 1.84 31.69 0.92
C ALA A 92 2.40 30.67 -0.02
N ALA A 93 2.78 29.52 0.44
CA ALA A 93 3.45 28.59 -0.46
C ALA A 93 2.49 27.47 -0.70
N GLU A 94 1.36 27.84 -1.30
CA GLU A 94 0.19 27.02 -1.32
C GLU A 94 -0.04 26.49 -2.72
N PRO A 95 0.26 25.20 -2.93
CA PRO A 95 0.06 24.60 -4.26
C PRO A 95 -1.42 24.57 -4.70
N ARG A 96 -2.38 24.62 -3.78
CA ARG A 96 -3.80 24.63 -4.15
C ARG A 96 -4.25 25.95 -4.77
N CYS A 97 -3.41 26.99 -4.69
CA CYS A 97 -3.83 28.33 -5.09
C CYS A 97 -2.99 28.97 -6.18
N TRP A 98 -3.46 30.10 -6.68
CA TRP A 98 -2.78 30.85 -7.73
C TRP A 98 -3.02 32.35 -7.54
N ALA A 99 -2.02 33.16 -7.89
CA ALA A 99 -2.21 34.63 -7.83
C ALA A 99 -2.43 35.16 -9.24
N VAL A 100 -3.16 36.25 -9.32
CA VAL A 100 -3.42 36.92 -10.57
C VAL A 100 -2.77 38.31 -10.47
N ARG A 101 -1.68 38.49 -11.21
CA ARG A 101 -0.81 39.67 -11.09
C ARG A 101 -1.17 40.70 -12.15
N ARG A 102 -1.40 41.92 -11.69
CA ARG A 102 -1.62 43.02 -12.58
C ARG A 102 -0.28 43.37 -13.20
N THR A 103 -0.30 43.66 -14.50
CA THR A 103 0.90 43.85 -15.32
C THR A 103 0.91 45.22 -15.99
N GLN A 104 2.06 45.67 -16.50
CA GLN A 104 2.12 46.87 -17.35
C GLN A 104 1.53 48.08 -16.64
N LEU A 105 1.83 48.24 -15.38
CA LEU A 105 1.34 49.36 -14.60
C LEU A 105 1.97 50.70 -14.99
N GLU A 106 3.18 50.66 -15.55
CA GLU A 106 3.85 51.90 -15.94
C GLU A 106 3.03 52.59 -17.03
N PHE A 107 2.67 51.86 -18.08
CA PHE A 107 2.03 52.51 -19.21
C PHE A 107 0.51 52.32 -19.21
N HIS A 108 0.04 51.39 -18.38
CA HIS A 108 -1.40 51.21 -18.16
C HIS A 108 -1.65 51.19 -16.67
N PRO A 109 -1.70 52.39 -16.05
CA PRO A 109 -1.82 52.47 -14.60
C PRO A 109 -3.17 52.02 -14.07
N ARG A 110 -3.28 51.94 -12.74
CA ARG A 110 -4.51 51.50 -12.07
C ARG A 110 -5.66 52.38 -12.53
N GLY A 111 -6.77 51.77 -12.90
CA GLY A 111 -7.92 52.51 -13.43
C GLY A 111 -8.14 52.28 -14.91
N CYS A 112 -7.11 51.82 -15.62
CA CYS A 112 -7.25 51.50 -17.03
C CYS A 112 -8.12 50.26 -17.21
N SER A 113 -8.16 49.41 -16.19
CA SER A 113 -9.01 48.23 -16.20
C SER A 113 -10.11 48.27 -15.15
N PRO A 114 -11.34 47.88 -15.53
CA PRO A 114 -12.46 47.84 -14.58
C PRO A 114 -12.20 46.88 -13.43
N TRP A 115 -11.33 45.91 -13.64
CA TRP A 115 -11.01 45.00 -12.57
C TRP A 115 -10.05 45.61 -11.52
N ASP A 116 -9.48 46.78 -11.83
CA ASP A 116 -8.48 47.38 -10.92
C ASP A 116 -9.06 47.70 -9.53
N ARG A 117 -10.36 47.96 -9.43
CA ARG A 117 -10.96 48.26 -8.12
C ARG A 117 -10.90 47.05 -7.16
N PHE A 118 -10.64 45.86 -7.70
CA PHE A 118 -10.49 44.67 -6.88
C PHE A 118 -9.05 44.36 -6.60
N LEU A 119 -8.16 45.30 -6.91
CA LEU A 119 -6.76 45.12 -6.60
C LEU A 119 -6.48 45.30 -5.11
N VAL A 120 -5.78 44.33 -4.53
CA VAL A 120 -5.10 44.49 -3.25
C VAL A 120 -3.60 44.46 -3.54
N GLY A 121 -2.91 45.56 -3.33
CA GLY A 121 -1.57 45.74 -3.85
C GLY A 121 -1.52 45.62 -5.37
N GLY A 122 -0.72 44.67 -5.85
CA GLY A 122 -0.62 44.43 -7.28
C GLY A 122 -1.28 43.17 -7.80
N TYR A 123 -2.21 42.63 -7.01
CA TYR A 123 -2.92 41.42 -7.38
C TYR A 123 -4.41 41.58 -7.35
N LEU A 124 -5.07 40.93 -8.29
CA LEU A 124 -6.51 40.88 -8.31
C LEU A 124 -7.00 39.96 -7.20
N SER A 125 -7.74 40.54 -6.25
CA SER A 125 -8.08 39.82 -5.02
C SER A 125 -9.38 39.03 -5.14
N SER A 126 -9.31 37.71 -5.03
CA SER A 126 -10.52 36.92 -5.04
C SER A 126 -11.41 37.33 -3.84
N ARG A 127 -10.79 37.62 -2.69
CA ARG A 127 -11.54 37.97 -1.48
C ARG A 127 -12.39 39.21 -1.66
N VAL A 128 -11.84 40.23 -2.30
CA VAL A 128 -12.59 41.46 -2.53
C VAL A 128 -13.71 41.21 -3.56
N LEU A 129 -13.39 40.44 -4.59
CA LEU A 129 -14.41 40.01 -5.53
C LEU A 129 -15.53 39.24 -4.84
N LEU A 130 -15.15 38.35 -3.93
CA LEU A 130 -16.09 37.58 -3.13
C LEU A 130 -17.01 38.49 -2.32
N GLU A 131 -16.45 39.49 -1.65
CA GLU A 131 -17.24 40.44 -0.87
C GLU A 131 -18.32 41.12 -1.73
N LEU A 132 -17.95 41.52 -2.95
CA LEU A 132 -18.87 42.21 -3.83
C LEU A 132 -20.04 41.33 -4.23
N LEU A 133 -19.75 40.12 -4.68
CA LEU A 133 -20.82 39.23 -5.12
C LEU A 133 -21.69 38.72 -3.97
N ARG A 134 -21.08 38.51 -2.80
CA ARG A 134 -21.83 38.08 -1.63
C ARG A 134 -22.85 39.16 -1.27
N LYS A 135 -22.43 40.42 -1.34
CA LYS A 135 -23.29 41.53 -1.03
C LYS A 135 -24.43 41.66 -2.03
N ALA A 136 -24.12 41.50 -3.32
CA ALA A 136 -25.13 41.56 -4.38
C ALA A 136 -26.15 40.42 -4.29
N LEU A 137 -25.65 39.22 -4.02
CA LEU A 137 -26.50 38.06 -3.94
C LEU A 137 -27.46 38.20 -2.77
N SER A 138 -26.92 38.61 -1.63
CA SER A 138 -27.66 38.57 -0.38
C SER A 138 -28.54 39.78 -0.11
N ALA A 139 -28.14 40.93 -0.66
CA ALA A 139 -28.88 42.15 -0.36
C ALA A 139 -29.41 42.89 -1.58
N SER A 140 -29.04 42.44 -2.77
CA SER A 140 -29.32 43.19 -3.99
C SER A 140 -30.02 42.42 -5.14
N VAL A 141 -30.12 41.09 -5.04
CA VAL A 141 -30.84 40.30 -6.05
C VAL A 141 -32.24 39.96 -5.56
N ASN A 142 -33.23 40.14 -6.44
CA ASN A 142 -34.63 39.92 -6.11
C ASN A 142 -35.01 38.44 -6.12
N TRP A 143 -34.55 37.72 -5.11
CA TRP A 143 -34.83 36.28 -4.99
C TRP A 143 -36.30 35.92 -4.77
N PRO A 144 -37.06 36.75 -4.03
CA PRO A 144 -38.47 36.36 -3.94
C PRO A 144 -39.18 36.34 -5.29
N ALA A 145 -38.92 37.34 -6.12
CA ALA A 145 -39.58 37.43 -7.42
C ALA A 145 -39.15 36.33 -8.36
N ILE A 146 -37.84 36.05 -8.40
CA ILE A 146 -37.30 35.01 -9.28
C ILE A 146 -37.91 33.67 -8.88
N GLY A 147 -38.02 33.44 -7.58
CA GLY A 147 -38.62 32.22 -7.08
C GLY A 147 -40.08 32.13 -7.47
N SER A 148 -40.79 33.25 -7.39
CA SER A 148 -42.19 33.29 -7.75
C SER A 148 -42.38 32.99 -9.23
N LEU A 149 -41.50 33.54 -10.06
CA LEU A 149 -41.54 33.37 -11.50
C LEU A 149 -41.29 31.92 -11.93
N LEU A 150 -40.40 31.23 -11.21
CA LEU A 150 -39.99 29.88 -11.60
C LEU A 150 -40.65 28.78 -10.77
N GLY A 151 -41.61 29.16 -9.92
CA GLY A 151 -42.26 28.19 -9.06
C GLY A 151 -41.32 27.42 -8.14
N CYS A 152 -40.44 28.14 -7.43
CA CYS A 152 -39.58 27.53 -6.40
C CYS A 152 -39.12 28.61 -5.42
N LEU A 153 -38.39 28.22 -4.39
CA LEU A 153 -37.77 29.18 -3.46
C LEU A 153 -36.26 29.17 -3.67
N ILE A 154 -35.64 30.34 -3.81
CA ILE A 154 -34.19 30.44 -3.93
C ILE A 154 -33.67 31.42 -2.87
N TRP A 155 -32.66 31.00 -2.11
CA TRP A 155 -32.06 31.89 -1.13
C TRP A 155 -30.57 31.60 -0.89
N PRO A 156 -29.80 32.63 -0.58
CA PRO A 156 -28.37 32.50 -0.26
C PRO A 156 -28.10 31.82 1.09
N ASP A 157 -27.15 30.90 1.08
CA ASP A 157 -26.76 30.14 2.26
C ASP A 157 -25.82 30.96 3.17
N VAL A 158 -25.76 30.61 4.45
CA VAL A 158 -24.85 31.24 5.42
C VAL A 158 -23.38 30.70 5.56
N ALA A 159 -22.61 30.72 4.46
CA ALA A 159 -21.21 30.25 4.37
C ALA A 159 -20.77 30.16 2.91
N SER A 160 -19.48 30.39 2.63
CA SER A 160 -18.94 30.37 1.24
C SER A 160 -19.74 31.25 0.27
N GLU A 161 -20.11 30.72 -0.91
CA GLU A 161 -21.12 31.39 -1.77
C GLU A 161 -22.15 30.51 -2.50
N GLU A 162 -23.13 30.06 -1.75
CA GLU A 162 -24.05 29.05 -2.20
C GLU A 162 -25.48 29.57 -2.31
N LEU A 163 -26.15 29.17 -3.37
CA LEU A 163 -27.54 29.50 -3.57
C LEU A 163 -28.35 28.24 -3.32
N LEU A 164 -29.25 28.26 -2.35
CA LEU A 164 -29.98 27.03 -2.05
C LEU A 164 -31.33 27.07 -2.74
N LEU A 165 -31.65 25.96 -3.42
CA LEU A 165 -32.87 25.89 -4.17
C LEU A 165 -33.90 24.87 -3.66
N LYS A 166 -35.02 25.42 -3.19
CA LYS A 166 -36.20 24.72 -2.68
C LYS A 166 -37.43 25.05 -3.55
N VAL A 167 -38.07 24.04 -4.10
CA VAL A 167 -37.69 22.70 -3.78
C VAL A 167 -37.06 22.20 -5.09
N GLN A 168 -37.77 22.07 -6.23
CA GLN A 168 -39.16 22.43 -6.48
C GLN A 168 -39.95 21.24 -6.03
N HIS A 169 -41.08 21.48 -5.36
CA HIS A 169 -41.80 20.47 -4.57
C HIS A 169 -41.59 19.09 -5.10
N GLU A 170 -41.62 18.98 -6.41
CA GLU A 170 -41.55 17.70 -7.08
C GLU A 170 -40.22 17.01 -6.87
N CYS A 171 -40.12 16.53 -5.64
CA CYS A 171 -39.06 15.69 -5.15
C CYS A 171 -37.67 16.14 -5.56
N LEU A 172 -37.37 17.42 -5.39
CA LEU A 172 -36.03 17.89 -5.76
C LEU A 172 -35.56 18.95 -4.79
N GLU A 173 -34.26 18.96 -4.50
CA GLU A 173 -33.61 20.02 -3.73
C GLU A 173 -32.24 20.16 -4.31
N PHE A 174 -31.70 21.36 -4.46
CA PHE A 174 -30.27 21.44 -4.74
C PHE A 174 -29.58 22.79 -4.51
N THR A 175 -28.26 22.77 -4.65
CA THR A 175 -27.42 23.91 -4.36
C THR A 175 -26.67 24.41 -5.59
N LEU A 176 -26.69 25.72 -5.79
CA LEU A 176 -25.89 26.33 -6.83
C LEU A 176 -24.64 26.96 -6.21
N ALA A 177 -23.48 26.62 -6.73
CA ALA A 177 -22.26 27.30 -6.30
C ALA A 177 -21.93 28.37 -7.32
N VAL A 178 -22.04 29.63 -6.91
CA VAL A 178 -21.74 30.72 -7.83
C VAL A 178 -20.23 30.91 -7.85
N LEU A 179 -19.64 30.62 -9.00
CA LEU A 179 -18.18 30.61 -9.12
C LEU A 179 -17.66 31.65 -10.09
N MET A 180 -17.02 32.69 -9.56
CA MET A 180 -16.31 33.65 -10.44
C MET A 180 -14.98 33.01 -10.87
N VAL A 181 -14.74 32.92 -12.17
CA VAL A 181 -13.62 32.13 -12.64
C VAL A 181 -12.76 32.88 -13.66
N VAL A 182 -11.47 32.54 -13.68
CA VAL A 182 -10.54 33.00 -14.73
C VAL A 182 -9.89 31.74 -15.37
N PRO A 183 -9.43 31.83 -16.65
CA PRO A 183 -8.99 30.67 -17.44
C PRO A 183 -7.80 29.80 -16.97
N GLY A 184 -6.91 30.29 -16.12
CA GLY A 184 -5.86 29.42 -15.55
C GLY A 184 -4.90 28.55 -16.37
N ALA A 185 -5.15 28.39 -17.67
CA ALA A 185 -4.24 27.70 -18.59
C ALA A 185 -4.67 27.91 -20.05
N SER A 186 -3.71 27.92 -20.95
CA SER A 186 -4.01 28.15 -22.35
C SER A 186 -4.34 26.85 -23.11
N THR A 187 -3.77 25.74 -22.63
CA THR A 187 -3.83 24.48 -23.35
C THR A 187 -4.98 23.55 -22.94
N ASP A 188 -5.53 23.73 -21.73
CA ASP A 188 -6.73 23.00 -21.32
C ASP A 188 -7.73 23.93 -20.63
N ASP A 189 -8.77 23.32 -20.07
CA ASP A 189 -9.87 24.07 -19.50
C ASP A 189 -9.85 24.20 -17.99
N ARG A 190 -8.70 24.03 -17.35
CA ARG A 190 -8.61 24.23 -15.90
C ARG A 190 -8.94 25.69 -15.55
N LEU A 191 -9.40 25.94 -14.32
CA LEU A 191 -9.83 27.28 -13.94
C LEU A 191 -9.21 27.70 -12.63
N LEU A 192 -9.27 29.01 -12.37
CA LEU A 192 -9.05 29.51 -11.03
C LEU A 192 -10.37 30.05 -10.54
N LEU A 193 -10.74 29.72 -9.31
CA LEU A 193 -11.99 30.18 -8.75
C LEU A 193 -11.76 31.22 -7.67
N ALA A 194 -12.63 32.21 -7.61
CA ALA A 194 -12.69 33.07 -6.45
C ALA A 194 -13.44 32.33 -5.35
N TRP A 195 -12.74 31.55 -4.55
CA TRP A 195 -13.42 30.74 -3.55
C TRP A 195 -12.74 31.00 -2.24
N PRO A 196 -13.51 30.94 -1.15
CA PRO A 196 -12.85 31.15 0.11
C PRO A 196 -12.02 29.97 0.52
N LEU A 197 -10.93 30.34 1.14
CA LEU A 197 -10.60 29.77 2.40
C LEU A 197 -10.23 31.14 2.94
N GLU A 198 -10.92 31.56 4.02
CA GLU A 198 -10.88 32.97 4.42
C GLU A 198 -9.81 33.19 5.48
N GLY A 199 -9.16 32.09 5.85
CA GLY A 199 -7.91 32.16 6.58
C GLY A 199 -6.84 32.19 5.50
N LEU A 200 -5.60 32.44 5.90
CA LEU A 200 -4.42 32.44 5.01
C LEU A 200 -4.56 33.44 3.83
N ALA A 201 -4.42 32.95 2.60
CA ALA A 201 -4.37 33.81 1.40
C ALA A 201 -5.66 33.94 0.59
N SER A 202 -6.55 34.82 1.03
CA SER A 202 -7.85 35.01 0.42
C SER A 202 -7.74 35.95 -0.76
N ASN A 203 -6.60 36.62 -0.87
CA ASN A 203 -6.32 37.31 -2.12
C ASN A 203 -6.06 36.28 -3.24
N LEU A 204 -5.55 35.11 -2.90
CA LEU A 204 -5.30 34.08 -3.90
C LEU A 204 -6.57 33.39 -4.41
N TRP A 205 -6.50 32.93 -5.65
CA TRP A 205 -7.56 32.16 -6.31
C TRP A 205 -7.37 30.67 -6.06
N LEU A 206 -8.44 29.90 -6.13
CA LEU A 206 -8.32 28.46 -5.93
C LEU A 206 -8.27 27.73 -7.29
N GLN A 207 -7.33 26.81 -7.43
CA GLN A 207 -7.25 26.07 -8.67
C GLN A 207 -8.41 25.09 -8.76
N ASP A 208 -9.04 25.07 -9.91
CA ASP A 208 -10.11 24.14 -10.17
C ASP A 208 -9.74 23.20 -11.31
N LEU A 209 -9.46 21.94 -10.97
CA LEU A 209 -9.09 20.94 -11.97
C LEU A 209 -10.29 20.15 -12.50
N TYR A 210 -11.49 20.48 -12.04
CA TYR A 210 -12.66 19.69 -12.38
C TYR A 210 -12.87 19.53 -13.92
N PRO A 211 -12.80 20.63 -14.72
CA PRO A 211 -13.00 20.46 -16.16
C PRO A 211 -11.96 19.55 -16.84
N VAL A 212 -10.73 19.61 -16.38
CA VAL A 212 -9.66 18.77 -16.94
C VAL A 212 -9.89 17.29 -16.59
N GLU A 213 -10.25 17.06 -15.33
CA GLU A 213 -10.50 15.72 -14.80
C GLU A 213 -11.66 15.04 -15.50
N THR A 214 -12.78 15.75 -15.66
CA THR A 214 -13.92 15.10 -16.27
C THR A 214 -13.70 14.91 -17.77
N ALA A 215 -12.94 15.77 -18.41
CA ALA A 215 -12.61 15.55 -19.83
C ALA A 215 -11.76 14.30 -19.99
N ARG A 216 -10.85 14.07 -19.05
CA ARG A 216 -9.98 12.92 -19.08
C ARG A 216 -10.76 11.61 -18.87
N LEU A 217 -11.64 11.62 -17.88
CA LEU A 217 -12.47 10.47 -17.57
C LEU A 217 -13.42 10.14 -18.71
N ARG A 218 -14.01 11.18 -19.29
CA ARG A 218 -14.86 11.01 -20.45
C ARG A 218 -14.04 10.47 -21.61
N ALA A 219 -12.84 11.00 -21.79
CA ALA A 219 -11.97 10.57 -22.88
C ALA A 219 -11.63 9.09 -22.77
N LEU A 220 -11.27 8.67 -21.57
CA LEU A 220 -10.91 7.28 -21.31
C LEU A 220 -12.07 6.33 -21.51
N ASP A 221 -13.25 6.70 -21.03
CA ASP A 221 -14.41 5.81 -21.12
C ASP A 221 -14.90 5.67 -22.54
N ASP A 222 -14.79 6.74 -23.31
CA ASP A 222 -15.34 6.76 -24.67
C ASP A 222 -14.58 5.80 -25.59
N GLN A 223 -13.31 5.55 -25.32
CA GLN A 223 -12.49 4.65 -26.14
C GLN A 223 -12.67 3.15 -25.86
N ASP A 224 -13.19 2.76 -24.70
CA ASP A 224 -13.45 1.33 -24.40
C ASP A 224 -14.80 1.05 -23.76
N ALA A 225 -15.74 1.98 -23.92
CA ALA A 225 -17.06 1.89 -23.28
C ALA A 225 -16.92 1.62 -21.79
N GLY A 226 -15.94 2.29 -21.17
CA GLY A 226 -15.57 1.99 -19.80
C GLY A 226 -16.52 2.52 -18.76
N THR A 227 -16.32 2.07 -17.52
CA THR A 227 -17.18 2.42 -16.40
C THR A 227 -16.46 3.26 -15.35
N ARG A 228 -15.41 3.96 -15.75
CA ARG A 228 -14.67 4.77 -14.79
C ARG A 228 -15.57 5.82 -14.14
N ARG A 229 -16.26 6.61 -14.96
CA ARG A 229 -17.12 7.69 -14.44
C ARG A 229 -18.27 7.12 -13.65
N ARG A 230 -18.74 5.96 -14.06
CA ARG A 230 -19.77 5.27 -13.31
C ARG A 230 -19.23 4.88 -11.91
N LEU A 231 -17.98 4.43 -11.85
CA LEU A 231 -17.34 4.08 -10.59
C LEU A 231 -17.15 5.29 -9.67
N LEU A 232 -16.82 6.44 -10.27
CA LEU A 232 -16.64 7.63 -9.45
C LEU A 232 -17.98 7.96 -8.74
N LEU A 233 -19.09 7.83 -9.46
CA LEU A 233 -20.41 8.12 -8.89
C LEU A 233 -20.78 7.16 -7.76
N LEU A 234 -20.42 5.89 -7.93
CA LEU A 234 -20.58 4.87 -6.88
C LEU A 234 -19.81 5.24 -5.61
N LEU A 235 -18.53 5.55 -5.79
CA LEU A 235 -17.68 5.85 -4.65
C LEU A 235 -18.24 7.02 -3.89
N CYS A 236 -18.73 8.00 -4.64
CA CYS A 236 -19.29 9.19 -4.02
C CYS A 236 -20.51 8.84 -3.19
N GLY A 237 -21.41 8.03 -3.76
CA GLY A 237 -22.65 7.69 -3.09
C GLY A 237 -22.44 6.93 -1.79
N ILE A 238 -21.45 6.07 -1.78
CA ILE A 238 -21.12 5.30 -0.61
C ILE A 238 -20.50 6.14 0.48
N CYS A 239 -19.59 7.02 0.10
CA CYS A 239 -18.93 7.87 1.08
C CYS A 239 -19.90 8.87 1.71
N ARG A 240 -20.93 9.25 0.95
CA ARG A 240 -21.94 10.14 1.48
C ARG A 240 -22.78 9.38 2.50
N GLY A 241 -22.90 8.06 2.27
CA GLY A 241 -23.66 7.14 3.10
C GLY A 241 -23.11 6.95 4.49
N HIS A 242 -21.82 7.17 4.65
CA HIS A 242 -21.15 6.96 5.92
C HIS A 242 -20.72 8.26 6.58
N PRO A 243 -21.15 8.49 7.84
CA PRO A 243 -20.76 9.76 8.49
C PRO A 243 -19.25 9.92 8.62
N ALA A 244 -18.52 8.82 8.76
CA ALA A 244 -17.06 8.85 8.78
C ALA A 244 -16.43 9.20 7.44
N LEU A 245 -17.04 8.79 6.34
CA LEU A 245 -16.41 8.90 5.01
C LEU A 245 -16.79 10.17 4.29
N VAL A 246 -17.62 10.99 4.90
CA VAL A 246 -18.22 12.15 4.23
C VAL A 246 -17.17 13.17 3.76
N ARG A 247 -16.02 13.21 4.43
CA ARG A 247 -14.96 14.14 4.03
C ARG A 247 -14.34 13.72 2.68
N LEU A 248 -14.42 12.43 2.37
CA LEU A 248 -13.96 11.91 1.09
C LEU A 248 -14.98 12.34 0.07
N GLY A 249 -14.66 13.39 -0.67
CA GLY A 249 -15.63 13.97 -1.59
C GLY A 249 -15.28 13.72 -3.03
N TRP A 250 -15.97 14.43 -3.91
CA TRP A 250 -15.81 14.23 -5.34
C TRP A 250 -14.34 14.33 -5.80
N SER A 251 -13.65 15.37 -5.35
CA SER A 251 -12.27 15.61 -5.80
C SER A 251 -11.32 14.53 -5.32
N HIS A 252 -11.52 14.05 -4.09
CA HIS A 252 -10.69 12.98 -3.53
C HIS A 252 -10.80 11.71 -4.34
N LEU A 253 -12.05 11.31 -4.59
CA LEU A 253 -12.33 10.02 -5.21
C LEU A 253 -12.00 10.08 -6.70
N THR A 254 -12.05 11.29 -7.27
CA THR A 254 -11.60 11.48 -8.64
C THR A 254 -10.16 11.03 -8.81
N GLN A 255 -9.35 11.37 -7.82
CA GLN A 255 -7.93 11.04 -7.84
C GLN A 255 -7.75 9.53 -7.85
N VAL A 256 -8.61 8.85 -7.09
CA VAL A 256 -8.59 7.40 -7.01
C VAL A 256 -8.90 6.81 -8.35
N VAL A 257 -9.94 7.30 -9.00
CA VAL A 257 -10.36 6.75 -10.29
C VAL A 257 -9.40 7.13 -11.42
N LEU A 258 -8.79 8.31 -11.35
CA LEU A 258 -7.76 8.65 -12.33
C LEU A 258 -6.56 7.70 -12.19
N HIS A 259 -6.19 7.35 -10.97
CA HIS A 259 -5.07 6.46 -10.75
C HIS A 259 -5.32 5.07 -11.32
N LEU A 260 -6.47 4.48 -10.99
CA LEU A 260 -6.81 3.15 -11.51
C LEU A 260 -7.16 3.28 -12.97
N GLY A 261 -7.93 4.31 -13.30
CA GLY A 261 -8.46 4.52 -14.65
C GLY A 261 -7.38 4.73 -15.69
N GLU A 262 -6.25 5.29 -15.27
CA GLU A 262 -5.11 5.50 -16.15
C GLU A 262 -4.34 4.22 -16.29
N GLU A 263 -5.06 3.13 -16.56
CA GLU A 263 -4.42 1.86 -16.86
C GLU A 263 -5.22 1.07 -17.89
N GLU A 264 -4.50 0.29 -18.69
CA GLU A 264 -5.15 -0.58 -19.65
C GLU A 264 -5.50 -1.86 -18.90
N VAL A 265 -6.62 -1.79 -18.19
CA VAL A 265 -7.08 -2.88 -17.36
C VAL A 265 -8.61 -2.88 -17.52
N ALA A 266 -9.30 -3.92 -17.07
CA ALA A 266 -10.71 -4.10 -17.38
C ALA A 266 -11.62 -3.04 -16.73
N TRP A 267 -12.33 -2.30 -17.58
CA TRP A 267 -13.25 -1.24 -17.16
C TRP A 267 -14.67 -1.48 -17.66
N THR A 268 -15.00 -2.77 -17.86
CA THR A 268 -16.35 -3.18 -18.19
C THR A 268 -17.21 -3.17 -16.94
N GLU A 269 -18.52 -3.25 -17.13
CA GLU A 269 -19.44 -3.38 -16.00
C GLU A 269 -19.14 -4.68 -15.26
N GLU A 270 -18.71 -5.68 -16.03
CA GLU A 270 -18.41 -6.98 -15.47
C GLU A 270 -17.33 -6.89 -14.40
N ALA A 271 -16.38 -5.98 -14.62
CA ALA A 271 -15.23 -5.79 -13.71
C ALA A 271 -15.44 -4.63 -12.76
N LEU A 272 -16.63 -4.05 -12.76
CA LEU A 272 -16.90 -2.89 -11.93
C LEU A 272 -16.72 -3.18 -10.44
N GLY A 273 -17.12 -4.38 -10.03
CA GLY A 273 -16.98 -4.79 -8.66
C GLY A 273 -15.52 -4.86 -8.22
N GLU A 274 -14.67 -5.38 -9.09
CA GLU A 274 -13.24 -5.46 -8.84
C GLU A 274 -12.57 -4.09 -8.84
N ARG A 275 -12.98 -3.21 -9.77
CA ARG A 275 -12.46 -1.85 -9.81
C ARG A 275 -12.81 -1.09 -8.55
N PHE A 276 -14.01 -1.37 -8.08
CA PHE A 276 -14.52 -0.80 -6.85
C PHE A 276 -13.67 -1.23 -5.66
N LEU A 277 -13.38 -2.54 -5.56
CA LEU A 277 -12.63 -3.02 -4.41
C LEU A 277 -11.20 -2.48 -4.50
N GLN A 278 -10.65 -2.49 -5.70
CA GLN A 278 -9.33 -1.91 -5.94
C GLN A 278 -9.24 -0.44 -5.51
N ALA A 279 -10.31 0.33 -5.74
CA ALA A 279 -10.38 1.72 -5.26
C ALA A 279 -10.32 1.81 -3.74
N LEU A 280 -11.07 0.96 -3.05
CA LEU A 280 -11.06 0.99 -1.60
C LEU A 280 -9.66 0.65 -1.11
N GLU A 281 -9.03 -0.28 -1.82
CA GLU A 281 -7.69 -0.71 -1.48
C GLU A 281 -6.70 0.43 -1.60
N PHE A 282 -6.84 1.18 -2.68
CA PHE A 282 -5.97 2.29 -2.95
C PHE A 282 -6.19 3.37 -1.90
N LEU A 283 -7.46 3.60 -1.55
CA LEU A 283 -7.79 4.61 -0.56
C LEU A 283 -7.14 4.26 0.78
N VAL A 284 -7.30 3.01 1.21
CA VAL A 284 -6.75 2.55 2.48
C VAL A 284 -5.23 2.69 2.51
N GLY A 285 -4.58 2.42 1.39
CA GLY A 285 -3.14 2.57 1.28
C GLY A 285 -2.75 4.04 1.36
N SER A 286 -3.49 4.88 0.65
CA SER A 286 -3.25 6.32 0.67
C SER A 286 -3.41 6.89 2.07
N LEU A 287 -4.38 6.34 2.81
CA LEU A 287 -4.66 6.79 4.16
C LEU A 287 -3.55 6.47 5.14
N GLU A 288 -3.00 5.27 5.06
CA GLU A 288 -1.98 4.91 6.04
C GLU A 288 -0.70 5.70 5.84
N GLN A 289 -0.47 6.15 4.61
CA GLN A 289 0.67 7.03 4.35
C GLN A 289 0.23 8.49 4.28
N ALA A 290 -1.05 8.74 4.52
CA ALA A 290 -1.61 10.10 4.57
C ALA A 290 -1.30 10.94 3.33
N SER A 291 -1.28 10.31 2.16
CA SER A 291 -1.00 11.02 0.93
C SER A 291 -1.94 10.60 -0.20
N LEU A 292 -2.69 11.56 -0.72
CA LEU A 292 -3.53 11.36 -1.90
C LEU A 292 -3.34 12.58 -2.81
N PRO A 293 -2.30 12.56 -3.65
CA PRO A 293 -1.97 13.72 -4.49
C PRO A 293 -2.93 13.93 -5.67
N CYS A 294 -3.11 15.16 -6.15
CA CYS A 294 -3.93 15.39 -7.36
C CYS A 294 -3.25 14.87 -8.59
N HIS A 295 -3.99 14.17 -9.43
CA HIS A 295 -3.45 13.62 -10.66
C HIS A 295 -2.81 14.69 -11.56
N PHE A 296 -3.48 15.84 -11.67
CA PHE A 296 -3.03 16.91 -12.54
C PHE A 296 -2.35 18.02 -11.77
N ASN A 297 -2.14 17.80 -10.48
CA ASN A 297 -1.35 18.69 -9.65
C ASN A 297 -0.84 17.96 -8.41
N PRO A 298 0.19 17.12 -8.59
CA PRO A 298 0.69 16.17 -7.58
C PRO A 298 1.22 16.82 -6.29
N SER A 299 1.61 18.09 -6.35
CA SER A 299 2.05 18.78 -5.16
C SER A 299 0.86 19.01 -4.20
N VAL A 300 -0.38 19.00 -4.68
CA VAL A 300 -1.43 19.13 -3.69
C VAL A 300 -1.83 17.73 -3.16
N ASN A 301 -1.78 17.63 -1.84
CA ASN A 301 -2.13 16.41 -1.15
C ASN A 301 -3.57 16.55 -0.60
N LEU A 302 -4.50 15.81 -1.18
CA LEU A 302 -5.90 15.97 -0.81
C LEU A 302 -6.20 15.47 0.59
N LEU A 303 -5.23 14.80 1.21
CA LEU A 303 -5.35 14.35 2.59
C LEU A 303 -4.54 15.20 3.56
N GLY A 304 -3.93 16.26 3.04
CA GLY A 304 -3.00 17.07 3.81
C GLY A 304 -3.59 17.76 5.03
N ASN A 305 -4.82 18.22 4.89
CA ASN A 305 -5.50 18.94 5.95
C ASN A 305 -6.34 18.01 6.82
N PHE A 306 -6.17 16.70 6.65
CA PHE A 306 -6.83 15.76 7.57
C PHE A 306 -6.02 15.60 8.85
N ARG A 307 -6.70 15.67 9.98
CA ARG A 307 -6.05 15.38 11.25
C ARG A 307 -5.86 13.86 11.35
N GLU A 308 -4.97 13.43 12.24
CA GLU A 308 -4.56 12.03 12.27
C GLU A 308 -5.72 11.09 12.58
N GLU A 309 -6.57 11.48 13.54
CA GLU A 309 -7.70 10.66 13.95
C GLU A 309 -8.70 10.50 12.82
N GLU A 310 -8.91 11.56 12.04
CA GLU A 310 -9.78 11.52 10.87
C GLU A 310 -9.36 10.42 9.91
N ILE A 311 -8.08 10.44 9.54
CA ILE A 311 -7.52 9.43 8.66
C ILE A 311 -7.63 8.04 9.25
N ASP A 312 -7.29 7.91 10.53
CA ASP A 312 -7.34 6.64 11.21
C ASP A 312 -8.77 6.12 11.25
N ASP A 313 -9.70 7.04 11.40
CA ASP A 313 -11.10 6.67 11.53
C ASP A 313 -11.68 6.20 10.20
N ILE A 314 -11.35 6.93 9.14
CA ILE A 314 -11.76 6.58 7.78
C ILE A 314 -11.18 5.21 7.40
N GLY A 315 -9.96 4.95 7.84
CA GLY A 315 -9.25 3.73 7.53
C GLY A 315 -10.00 2.53 8.07
N TYR A 316 -10.47 2.62 9.30
CA TYR A 316 -11.11 1.46 9.90
C TYR A 316 -12.51 1.23 9.36
N VAL A 317 -13.15 2.28 8.86
CA VAL A 317 -14.41 2.10 8.11
C VAL A 317 -14.18 1.43 6.75
N LEU A 318 -13.08 1.80 6.09
CA LEU A 318 -12.77 1.30 4.76
C LEU A 318 -12.17 -0.11 4.73
N TYR A 319 -11.94 -0.70 5.90
CA TYR A 319 -11.41 -2.07 6.02
C TYR A 319 -12.03 -3.11 5.05
N SER A 320 -13.32 -2.96 4.75
CA SER A 320 -14.13 -4.05 4.20
C SER A 320 -13.89 -4.44 2.76
N GLY A 321 -12.93 -3.84 2.06
CA GLY A 321 -12.88 -4.05 0.62
C GLY A 321 -12.74 -5.48 0.11
N LEU A 322 -11.72 -6.24 0.50
CA LEU A 322 -11.69 -7.64 0.05
C LEU A 322 -12.40 -8.58 1.02
N GLN A 323 -12.21 -8.35 2.32
CA GLN A 323 -12.78 -9.20 3.36
C GLN A 323 -14.31 -9.28 3.40
N VAL A 324 -14.99 -8.15 3.61
CA VAL A 324 -16.44 -8.17 3.74
C VAL A 324 -17.06 -7.02 2.96
N PRO A 325 -17.05 -7.11 1.62
CA PRO A 325 -17.40 -5.97 0.77
C PRO A 325 -18.85 -5.43 0.82
N GLU A 326 -19.86 -6.28 0.96
CA GLU A 326 -21.24 -5.77 0.95
C GLU A 326 -21.71 -5.34 2.32
N SER A 327 -20.80 -5.36 3.27
CA SER A 327 -21.10 -4.81 4.57
C SER A 327 -21.22 -3.30 4.46
N LEU A 328 -20.65 -2.73 3.41
CA LEU A 328 -20.50 -1.29 3.29
C LEU A 328 -21.63 -0.62 2.53
N PHE A 329 -22.26 -1.36 1.62
CA PHE A 329 -23.40 -0.83 0.86
C PHE A 329 -24.54 -0.42 1.80
N THR B 1 6.29 -54.44 10.18
CA THR B 1 7.69 -54.15 9.90
C THR B 1 8.02 -52.66 9.98
N PHE B 2 9.30 -52.37 10.21
CA PHE B 2 9.78 -51.01 10.41
C PHE B 2 9.50 -50.12 9.21
N GLN B 3 9.72 -50.66 8.01
CA GLN B 3 9.45 -49.92 6.79
C GLN B 3 7.97 -49.51 6.68
N GLU B 4 7.05 -50.43 6.94
CA GLU B 4 5.64 -50.08 6.81
C GLU B 4 5.29 -49.05 7.88
N ARG B 5 5.77 -49.25 9.09
CA ARG B 5 5.42 -48.35 10.17
C ARG B 5 6.01 -46.94 9.92
N LEU B 6 7.17 -46.88 9.29
CA LEU B 6 7.76 -45.60 8.96
C LEU B 6 6.92 -44.89 7.90
N LEU B 7 6.46 -45.63 6.90
CA LEU B 7 5.59 -45.04 5.89
C LEU B 7 4.29 -44.55 6.53
N ALA B 8 3.79 -45.31 7.50
CA ALA B 8 2.58 -44.93 8.21
C ALA B 8 2.80 -43.63 8.97
N PHE B 9 3.94 -43.51 9.64
CA PHE B 9 4.25 -42.26 10.33
C PHE B 9 4.28 -41.10 9.35
N GLU B 10 4.89 -41.32 8.19
CA GLU B 10 5.00 -40.28 7.18
C GLU B 10 3.63 -39.76 6.77
N ARG B 11 2.74 -40.68 6.45
CA ARG B 11 1.40 -40.35 6.00
C ARG B 11 0.61 -39.57 7.03
N LYS B 12 0.71 -40.00 8.29
CA LYS B 12 -0.14 -39.44 9.35
C LYS B 12 0.35 -38.13 9.94
N HIS B 13 1.66 -37.95 10.11
CA HIS B 13 2.15 -36.82 10.87
C HIS B 13 3.12 -35.94 10.10
N VAL B 14 3.56 -36.42 8.94
CA VAL B 14 4.48 -35.65 8.13
C VAL B 14 3.78 -35.07 6.93
N ILE B 15 3.05 -35.90 6.20
CA ILE B 15 2.39 -35.42 5.00
C ILE B 15 1.22 -34.53 5.40
N THR B 16 1.18 -33.34 4.82
CA THR B 16 0.15 -32.39 5.18
C THR B 16 -0.82 -32.33 4.02
N PRO B 17 -2.13 -32.36 4.31
CA PRO B 17 -3.13 -32.27 3.26
C PRO B 17 -2.85 -31.05 2.41
N GLU B 18 -2.86 -31.21 1.10
CA GLU B 18 -2.38 -30.12 0.26
C GLU B 18 -3.34 -28.94 0.37
N ALA B 19 -4.54 -29.20 0.87
CA ALA B 19 -5.50 -28.13 1.14
C ALA B 19 -4.88 -27.06 2.08
N HIS B 20 -4.19 -27.51 3.11
CA HIS B 20 -3.56 -26.56 4.02
C HIS B 20 -2.36 -25.90 3.38
N VAL B 21 -1.68 -26.61 2.46
CA VAL B 21 -0.51 -26.05 1.79
C VAL B 21 -0.86 -24.82 0.94
N THR B 22 -1.91 -24.89 0.12
CA THR B 22 -2.31 -23.71 -0.67
C THR B 22 -2.77 -22.57 0.23
N LEU B 23 -3.48 -22.93 1.30
CA LEU B 23 -3.98 -21.95 2.27
C LEU B 23 -2.82 -21.25 2.96
N ALA B 24 -1.78 -22.02 3.24
CA ALA B 24 -0.59 -21.50 3.89
C ALA B 24 0.23 -20.56 2.95
N LYS B 25 0.45 -21.02 1.72
CA LYS B 25 1.13 -20.22 0.69
C LYS B 25 0.36 -18.95 0.33
N GLN B 26 -0.96 -19.06 0.34
CA GLN B 26 -1.83 -17.95 0.00
C GLN B 26 -1.74 -16.86 1.04
N LEU B 27 -1.88 -17.24 2.30
CA LEU B 27 -1.77 -16.31 3.41
C LEU B 27 -0.37 -15.68 3.48
N ALA B 28 0.66 -16.53 3.45
CA ALA B 28 2.05 -16.04 3.50
C ALA B 28 2.36 -15.18 2.27
N GLY B 29 1.82 -15.57 1.12
CA GLY B 29 1.99 -14.80 -0.09
C GLY B 29 1.33 -13.44 0.07
N ASP B 30 0.14 -13.39 0.65
CA ASP B 30 -0.56 -12.12 0.79
C ASP B 30 0.06 -11.22 1.86
N ILE B 31 0.50 -11.82 2.97
CA ILE B 31 1.18 -11.07 4.01
C ILE B 31 2.47 -10.44 3.45
N ALA B 32 3.15 -11.14 2.54
CA ALA B 32 4.36 -10.63 1.88
C ALA B 32 4.06 -9.38 1.05
N LEU B 33 2.95 -9.41 0.32
CA LEU B 33 2.56 -8.25 -0.49
C LEU B 33 2.12 -7.07 0.37
N GLU B 34 1.46 -7.35 1.48
CA GLU B 34 1.08 -6.30 2.40
C GLU B 34 2.31 -5.65 3.00
N LEU B 35 3.22 -6.48 3.47
CA LEU B 35 4.47 -6.03 4.07
C LEU B 35 5.37 -5.33 3.03
N GLN B 36 5.38 -5.82 1.80
CA GLN B 36 6.15 -5.18 0.74
C GLN B 36 5.61 -3.78 0.45
N ALA B 37 4.29 -3.68 0.37
CA ALA B 37 3.62 -2.41 0.09
C ALA B 37 3.88 -1.41 1.20
N TYR B 38 3.83 -1.88 2.44
CA TYR B 38 4.13 -1.02 3.57
C TYR B 38 5.56 -0.50 3.49
N LEU B 39 6.45 -1.43 3.22
CA LEU B 39 7.86 -1.17 3.28
C LEU B 39 8.20 -0.17 2.18
N ARG B 40 7.60 -0.39 1.00
CA ARG B 40 7.78 0.46 -0.18
C ARG B 40 7.21 1.87 0.01
N SER B 41 6.09 1.95 0.72
CA SER B 41 5.46 3.21 1.10
C SER B 41 6.18 3.95 2.25
N LYS B 42 6.60 3.22 3.28
CA LYS B 42 7.22 3.88 4.43
C LYS B 42 8.70 4.22 4.20
N PHE B 43 9.39 3.41 3.41
CA PHE B 43 10.82 3.61 3.16
C PHE B 43 11.17 3.59 1.67
N PRO B 44 10.61 4.54 0.92
CA PRO B 44 10.91 4.61 -0.52
C PRO B 44 12.39 4.86 -0.79
N GLU B 45 13.06 5.52 0.14
CA GLU B 45 14.49 5.79 0.02
C GLU B 45 15.37 4.54 0.19
N LEU B 46 14.82 3.49 0.80
CA LEU B 46 15.55 2.23 1.00
C LEU B 46 15.21 1.18 -0.05
N PRO B 47 16.18 0.83 -0.92
CA PRO B 47 15.91 -0.08 -2.03
C PRO B 47 15.90 -1.57 -1.61
N PHE B 48 14.78 -2.03 -1.07
CA PHE B 48 14.56 -3.45 -0.85
C PHE B 48 14.07 -4.04 -2.16
N GLY B 49 14.42 -5.30 -2.42
CA GLY B 49 13.88 -6.02 -3.55
C GLY B 49 12.49 -6.51 -3.18
N ALA B 50 11.83 -7.14 -4.13
CA ALA B 50 10.52 -7.72 -3.85
C ALA B 50 10.64 -8.80 -2.76
N LEU B 51 9.69 -8.84 -1.82
CA LEU B 51 9.74 -9.87 -0.79
C LEU B 51 9.45 -11.27 -1.37
N VAL B 52 10.28 -12.26 -1.05
CA VAL B 52 10.06 -13.60 -1.58
C VAL B 52 9.75 -14.56 -0.45
N PRO B 53 8.53 -15.09 -0.42
CA PRO B 53 8.20 -16.10 0.59
C PRO B 53 8.82 -17.45 0.20
N GLY B 54 9.30 -18.20 1.19
CA GLY B 54 10.01 -19.42 0.90
C GLY B 54 10.22 -20.29 2.12
N GLY B 55 11.10 -21.27 1.98
CA GLY B 55 11.32 -22.22 3.04
C GLY B 55 10.73 -23.56 2.64
N PRO B 56 10.80 -24.54 3.56
CA PRO B 56 10.35 -25.90 3.30
C PRO B 56 8.90 -25.99 2.82
N LEU B 57 8.06 -25.02 3.19
CA LEU B 57 6.66 -24.99 2.72
C LEU B 57 6.59 -24.91 1.20
N TYR B 58 7.47 -24.09 0.64
CA TYR B 58 7.57 -23.89 -0.79
C TYR B 58 8.51 -24.91 -1.47
N ASP B 59 9.52 -25.39 -0.73
CA ASP B 59 10.61 -26.21 -1.29
C ASP B 59 10.34 -27.71 -1.22
N GLY B 60 9.97 -28.28 -2.36
CA GLY B 60 9.50 -29.65 -2.37
C GLY B 60 8.05 -29.59 -1.97
N LEU B 61 7.33 -30.69 -2.12
CA LEU B 61 5.93 -30.70 -1.74
C LEU B 61 5.71 -31.43 -0.43
N GLN B 62 4.52 -31.23 0.14
CA GLN B 62 4.02 -31.94 1.32
C GLN B 62 4.65 -31.54 2.66
N ALA B 63 5.51 -30.53 2.69
CA ALA B 63 6.15 -30.14 3.94
C ALA B 63 5.17 -29.50 4.90
N GLY B 64 4.25 -28.70 4.37
CA GLY B 64 3.32 -27.96 5.22
C GLY B 64 4.01 -26.82 5.97
N THR B 65 3.58 -26.59 7.20
CA THR B 65 4.09 -25.45 7.97
C THR B 65 4.83 -25.86 9.25
N ALA B 66 5.40 -27.06 9.25
CA ALA B 66 6.14 -27.55 10.41
C ALA B 66 7.29 -26.60 10.71
N GLU B 67 7.97 -26.17 9.65
CA GLU B 67 9.04 -25.20 9.79
C GLU B 67 8.50 -23.80 9.55
N HIS B 68 9.30 -22.81 9.92
CA HIS B 68 9.02 -21.42 9.62
C HIS B 68 8.88 -21.17 8.13
N VAL B 69 8.17 -20.11 7.80
CA VAL B 69 8.09 -19.65 6.45
C VAL B 69 9.05 -18.45 6.33
N ARG B 70 10.04 -18.59 5.46
CA ARG B 70 11.00 -17.53 5.26
C ARG B 70 10.36 -16.45 4.43
N LEU B 71 10.49 -15.24 4.92
CA LEU B 71 10.10 -14.05 4.19
C LEU B 71 11.36 -13.23 3.93
N LEU B 72 11.90 -13.33 2.71
CA LEU B 72 13.16 -12.66 2.38
C LEU B 72 12.90 -11.22 1.94
N ALA B 73 13.59 -10.30 2.62
CA ALA B 73 13.60 -8.89 2.27
C ALA B 73 15.03 -8.57 1.81
N PRO B 74 15.27 -8.70 0.50
CA PRO B 74 16.64 -8.53 0.02
C PRO B 74 17.02 -7.07 -0.05
N LEU B 75 18.14 -6.71 0.58
CA LEU B 75 18.74 -5.38 0.43
C LEU B 75 19.47 -5.33 -0.89
N GLU B 76 19.27 -4.25 -1.64
CA GLU B 76 20.02 -4.07 -2.87
C GLU B 76 21.17 -3.13 -2.59
N LEU B 77 22.36 -3.70 -2.41
CA LEU B 77 23.56 -2.92 -2.10
C LEU B 77 24.21 -2.45 -3.39
N GLU B 78 24.69 -1.21 -3.43
CA GLU B 78 25.47 -0.75 -4.59
C GLU B 78 26.72 -1.61 -4.76
N PRO B 79 26.87 -2.22 -5.93
CA PRO B 79 28.04 -3.07 -6.20
C PRO B 79 29.34 -2.26 -6.11
N GLY B 80 30.30 -2.75 -5.33
CA GLY B 80 31.58 -2.08 -5.20
C GLY B 80 31.60 -0.96 -4.17
N LEU B 81 30.45 -0.71 -3.56
CA LEU B 81 30.37 0.21 -2.43
C LEU B 81 30.47 -0.61 -1.14
N TRP B 82 30.37 -1.93 -1.27
CA TRP B 82 30.30 -2.82 -0.11
C TRP B 82 31.14 -4.07 -0.33
N SER B 83 31.80 -4.51 0.73
CA SER B 83 32.69 -5.64 0.66
C SER B 83 32.40 -6.58 1.83
N LEU B 84 32.58 -7.86 1.59
CA LEU B 84 32.32 -8.86 2.58
C LEU B 84 33.61 -9.21 3.29
N VAL B 85 33.51 -9.31 4.60
CA VAL B 85 34.62 -9.69 5.45
C VAL B 85 34.20 -10.88 6.29
N PRO B 86 34.92 -12.00 6.16
CA PRO B 86 34.52 -13.21 6.91
C PRO B 86 34.60 -12.98 8.42
N GLY B 87 33.56 -13.32 9.16
CA GLY B 87 33.54 -13.08 10.60
C GLY B 87 34.70 -13.68 11.37
N VAL B 88 35.28 -14.75 10.83
CA VAL B 88 36.36 -15.46 11.50
C VAL B 88 37.67 -14.63 11.49
N ASP B 89 37.71 -13.61 10.64
CA ASP B 89 38.86 -12.73 10.52
C ASP B 89 38.60 -11.39 11.21
N THR B 90 37.41 -11.20 11.79
CA THR B 90 37.16 -10.01 12.59
C THR B 90 37.53 -10.29 14.05
N VAL B 91 37.41 -9.26 14.88
CA VAL B 91 37.76 -9.38 16.28
C VAL B 91 36.78 -10.30 17.03
N ALA B 92 35.57 -10.49 16.49
CA ALA B 92 34.65 -11.52 16.99
C ALA B 92 35.11 -12.94 16.69
N ALA B 93 35.88 -13.12 15.62
CA ALA B 93 36.39 -14.45 15.24
C ALA B 93 35.29 -15.49 15.25
N GLU B 94 34.22 -15.16 14.55
CA GLU B 94 32.99 -15.93 14.53
C GLU B 94 32.81 -16.47 13.11
N PRO B 95 33.08 -17.78 12.90
CA PRO B 95 32.98 -18.36 11.56
C PRO B 95 31.53 -18.38 11.02
N ARG B 96 30.54 -18.32 11.91
CA ARG B 96 29.14 -18.28 11.51
C ARG B 96 28.70 -16.93 10.91
N CYS B 97 29.54 -15.90 11.03
CA CYS B 97 29.11 -14.55 10.66
C CYS B 97 29.98 -13.88 9.59
N TRP B 98 29.53 -12.74 9.09
CA TRP B 98 30.28 -11.98 8.10
C TRP B 98 30.01 -10.53 8.39
N ALA B 99 30.99 -9.70 8.08
CA ALA B 99 30.81 -8.26 8.25
C ALA B 99 30.56 -7.71 6.86
N VAL B 100 29.81 -6.61 6.78
CA VAL B 100 29.56 -5.99 5.49
C VAL B 100 30.20 -4.61 5.59
N ARG B 101 31.31 -4.44 4.88
CA ARG B 101 32.13 -3.24 5.06
C ARG B 101 31.86 -2.21 3.98
N ARG B 102 31.63 -0.98 4.41
CA ARG B 102 31.50 0.12 3.49
C ARG B 102 32.89 0.47 2.91
N THR B 103 32.98 0.62 1.59
CA THR B 103 34.27 0.86 0.93
C THR B 103 34.16 2.15 0.15
N GLN B 104 35.30 2.62 -0.36
CA GLN B 104 35.36 3.81 -1.23
C GLN B 104 34.75 5.04 -0.59
N LEU B 105 35.03 5.19 0.69
CA LEU B 105 34.53 6.29 1.48
C LEU B 105 35.19 7.62 1.14
N GLU B 106 36.41 7.54 0.61
CA GLU B 106 37.16 8.76 0.27
C GLU B 106 36.39 9.50 -0.81
N PHE B 107 36.00 8.81 -1.89
CA PHE B 107 35.33 9.48 -3.00
C PHE B 107 33.81 9.27 -3.01
N HIS B 108 33.33 8.33 -2.21
CA HIS B 108 31.88 8.23 -2.01
C HIS B 108 31.60 8.22 -0.53
N PRO B 109 31.60 9.41 0.07
CA PRO B 109 31.50 9.57 1.53
C PRO B 109 30.15 9.14 2.06
N ARG B 110 30.04 9.09 3.38
CA ARG B 110 28.79 8.70 4.01
C ARG B 110 27.64 9.56 3.50
N GLY B 111 26.55 8.90 3.14
CA GLY B 111 25.40 9.57 2.60
C GLY B 111 25.16 9.28 1.12
N CYS B 112 26.22 8.84 0.43
CA CYS B 112 26.06 8.49 -0.99
C CYS B 112 25.19 7.27 -1.13
N SER B 113 25.10 6.48 -0.07
CA SER B 113 24.21 5.33 -0.05
C SER B 113 23.08 5.49 0.94
N PRO B 114 21.86 5.12 0.53
CA PRO B 114 20.71 5.12 1.43
C PRO B 114 20.92 4.18 2.63
N TRP B 115 21.79 3.19 2.48
CA TRP B 115 22.12 2.26 3.57
C TRP B 115 23.10 2.87 4.60
N ASP B 116 23.71 4.01 4.29
CA ASP B 116 24.74 4.56 5.20
C ASP B 116 24.17 4.89 6.58
N ARG B 117 22.87 5.15 6.66
CA ARG B 117 22.27 5.46 7.95
C ARG B 117 22.32 4.25 8.89
N PHE B 118 22.54 3.06 8.34
CA PHE B 118 22.66 1.87 9.15
C PHE B 118 24.10 1.49 9.47
N LEU B 119 25.03 2.39 9.17
CA LEU B 119 26.42 2.16 9.50
C LEU B 119 26.69 2.29 11.00
N VAL B 120 27.34 1.28 11.57
CA VAL B 120 28.00 1.42 12.85
C VAL B 120 29.51 1.32 12.64
N GLY B 121 30.21 2.42 12.93
CA GLY B 121 31.57 2.58 12.45
C GLY B 121 31.62 2.48 10.93
N GLY B 122 32.40 1.52 10.41
CA GLY B 122 32.48 1.32 8.98
C GLY B 122 31.76 0.10 8.45
N TYR B 123 30.85 -0.44 9.22
CA TYR B 123 30.12 -1.61 8.76
C TYR B 123 28.64 -1.42 8.77
N LEU B 124 27.97 -2.06 7.81
CA LEU B 124 26.52 -2.03 7.76
C LEU B 124 25.94 -2.91 8.90
N SER B 125 25.23 -2.29 9.83
CA SER B 125 24.91 -3.01 11.05
C SER B 125 23.63 -3.83 10.96
N SER B 126 23.75 -5.16 11.10
CA SER B 126 22.52 -5.96 11.08
C SER B 126 21.65 -5.54 12.25
N ARG B 127 22.26 -5.29 13.42
CA ARG B 127 21.49 -4.91 14.63
C ARG B 127 20.68 -3.63 14.44
N VAL B 128 21.28 -2.61 13.82
CA VAL B 128 20.52 -1.37 13.62
C VAL B 128 19.38 -1.60 12.62
N LEU B 129 19.64 -2.36 11.55
CA LEU B 129 18.58 -2.70 10.62
C LEU B 129 17.48 -3.47 11.31
N LEU B 130 17.88 -4.41 12.17
CA LEU B 130 16.93 -5.21 12.93
C LEU B 130 16.06 -4.32 13.80
N GLU B 131 16.70 -3.39 14.49
CA GLU B 131 15.96 -2.48 15.36
C GLU B 131 14.93 -1.69 14.56
N LEU B 132 15.29 -1.28 13.35
CA LEU B 132 14.36 -0.50 12.55
C LEU B 132 13.13 -1.33 12.19
N LEU B 133 13.37 -2.52 11.67
CA LEU B 133 12.29 -3.36 11.20
C LEU B 133 11.45 -3.87 12.39
N ARG B 134 12.09 -4.08 13.53
CA ARG B 134 11.37 -4.52 14.72
C ARG B 134 10.35 -3.45 15.12
N LYS B 135 10.78 -2.19 15.11
CA LYS B 135 9.88 -1.10 15.47
C LYS B 135 8.79 -0.93 14.41
N ALA B 136 9.13 -1.17 13.15
CA ALA B 136 8.12 -1.11 12.08
C ALA B 136 7.05 -2.22 12.22
N LEU B 137 7.48 -3.44 12.53
CA LEU B 137 6.55 -4.56 12.70
C LEU B 137 5.64 -4.40 13.90
N SER B 138 6.18 -4.01 15.04
CA SER B 138 5.40 -4.03 16.28
C SER B 138 4.64 -2.74 16.57
N ALA B 139 5.10 -1.60 16.04
CA ALA B 139 4.49 -0.32 16.39
C ALA B 139 3.95 0.47 15.20
N SER B 140 4.18 0.01 13.97
CA SER B 140 3.81 0.85 12.84
C SER B 140 2.93 0.21 11.74
N VAL B 141 2.87 -1.11 11.67
CA VAL B 141 2.10 -1.75 10.61
C VAL B 141 0.71 -2.15 11.14
N ASN B 142 -0.33 -1.86 10.36
CA ASN B 142 -1.67 -2.13 10.82
C ASN B 142 -2.00 -3.62 10.70
N TRP B 143 -1.35 -4.42 11.53
CA TRP B 143 -1.58 -5.86 11.54
C TRP B 143 -3.01 -6.28 11.93
N PRO B 144 -3.67 -5.52 12.83
CA PRO B 144 -5.08 -5.90 13.06
C PRO B 144 -5.92 -5.77 11.80
N ALA B 145 -5.70 -4.72 11.01
CA ALA B 145 -6.49 -4.54 9.79
C ALA B 145 -6.15 -5.62 8.77
N ILE B 146 -4.85 -5.85 8.57
CA ILE B 146 -4.40 -6.84 7.59
C ILE B 146 -4.92 -8.23 7.98
N GLY B 147 -4.89 -8.54 9.27
CA GLY B 147 -5.34 -9.82 9.76
C GLY B 147 -6.82 -10.05 9.48
N SER B 148 -7.63 -9.02 9.67
CA SER B 148 -9.06 -9.13 9.39
C SER B 148 -9.28 -9.37 7.90
N LEU B 149 -8.49 -8.68 7.08
CA LEU B 149 -8.60 -8.76 5.64
C LEU B 149 -8.33 -10.19 5.13
N LEU B 150 -7.43 -10.90 5.80
CA LEU B 150 -7.05 -12.23 5.32
C LEU B 150 -7.72 -13.33 6.14
N GLY B 151 -8.62 -12.93 7.03
CA GLY B 151 -9.33 -13.88 7.88
C GLY B 151 -8.42 -14.75 8.73
N CYS B 152 -7.47 -14.11 9.42
CA CYS B 152 -6.58 -14.79 10.35
C CYS B 152 -6.05 -13.80 11.37
N LEU B 153 -5.25 -14.26 12.32
CA LEU B 153 -4.62 -13.35 13.26
C LEU B 153 -3.13 -13.23 12.99
N ILE B 154 -2.62 -12.00 12.91
CA ILE B 154 -1.18 -11.77 12.72
C ILE B 154 -0.59 -10.83 13.75
N TRP B 155 0.48 -11.25 14.41
CA TRP B 155 1.15 -10.37 15.35
C TRP B 155 2.63 -10.75 15.48
N PRO B 156 3.49 -9.76 15.75
CA PRO B 156 4.90 -10.10 15.92
C PRO B 156 5.13 -10.90 17.19
N ASP B 157 5.92 -11.97 17.10
CA ASP B 157 6.13 -12.92 18.21
C ASP B 157 7.07 -12.42 19.30
N VAL B 158 6.74 -12.77 20.55
CA VAL B 158 7.56 -12.57 21.76
C VAL B 158 8.17 -11.15 21.83
N ALA B 159 7.82 -10.30 20.86
CA ALA B 159 8.46 -8.99 20.66
C ALA B 159 9.94 -9.32 20.53
N SER B 160 10.16 -10.43 19.86
CA SER B 160 11.44 -11.12 19.84
C SER B 160 12.61 -10.38 19.23
N GLU B 161 13.77 -10.85 19.64
CA GLU B 161 15.03 -10.49 19.06
C GLU B 161 14.98 -10.89 17.60
N GLU B 162 14.13 -11.88 17.30
CA GLU B 162 14.16 -12.59 16.02
C GLU B 162 13.02 -12.34 15.03
N LEU B 163 12.57 -11.10 14.84
CA LEU B 163 11.59 -10.76 13.80
C LEU B 163 10.63 -11.85 13.28
N LEU B 164 9.80 -12.37 14.16
CA LEU B 164 8.89 -13.44 13.78
C LEU B 164 7.45 -12.93 13.67
N LEU B 165 6.75 -13.36 12.64
CA LEU B 165 5.36 -12.97 12.47
C LEU B 165 4.50 -14.21 12.73
N LYS B 166 3.58 -14.08 13.67
CA LYS B 166 2.82 -15.23 14.11
C LYS B 166 1.45 -15.17 13.46
N VAL B 167 1.10 -16.24 12.73
CA VAL B 167 -0.15 -16.33 11.98
C VAL B 167 -1.10 -17.43 12.51
N GLN B 168 -2.15 -17.04 13.22
CA GLN B 168 -3.20 -17.99 13.55
C GLN B 168 -4.43 -17.91 12.64
N HIS B 169 -4.93 -19.07 12.26
CA HIS B 169 -6.04 -19.21 11.33
C HIS B 169 -6.86 -20.37 11.88
N GLU B 170 -8.11 -20.46 11.50
CA GLU B 170 -8.99 -21.45 12.08
C GLU B 170 -8.53 -22.88 11.72
N CYS B 171 -7.93 -23.01 10.54
CA CYS B 171 -7.44 -24.30 10.08
C CYS B 171 -5.97 -24.52 10.38
N LEU B 172 -5.20 -23.45 10.43
CA LEU B 172 -3.77 -23.62 10.63
C LEU B 172 -3.08 -22.49 11.38
N GLU B 173 -1.89 -22.82 11.88
CA GLU B 173 -0.97 -21.84 12.45
C GLU B 173 0.33 -21.89 11.70
N PHE B 174 0.95 -20.74 11.48
CA PHE B 174 2.35 -20.77 11.04
C PHE B 174 3.05 -19.47 11.34
N THR B 175 4.37 -19.52 11.15
CA THR B 175 5.24 -18.43 11.54
C THR B 175 6.02 -17.94 10.34
N LEU B 176 6.07 -16.63 10.16
CA LEU B 176 6.87 -16.04 9.09
C LEU B 176 8.16 -15.48 9.70
N ALA B 177 9.30 -15.85 9.13
CA ALA B 177 10.56 -15.28 9.57
C ALA B 177 10.92 -14.14 8.64
N VAL B 178 10.91 -12.92 9.14
CA VAL B 178 11.24 -11.81 8.27
C VAL B 178 12.75 -11.70 8.22
N LEU B 179 13.32 -11.99 7.05
CA LEU B 179 14.77 -12.06 6.91
C LEU B 179 15.29 -11.01 5.93
N MET B 180 15.99 -10.02 6.46
CA MET B 180 16.69 -9.07 5.61
C MET B 180 17.99 -9.75 5.17
N VAL B 181 18.21 -9.84 3.85
CA VAL B 181 19.32 -10.61 3.31
C VAL B 181 20.15 -9.85 2.27
N VAL B 182 21.44 -10.12 2.27
CA VAL B 182 22.29 -9.64 1.19
C VAL B 182 23.04 -10.85 0.67
N PRO B 183 23.51 -10.81 -0.59
CA PRO B 183 24.20 -11.99 -1.14
C PRO B 183 25.48 -12.30 -0.35
N GLY B 184 25.75 -13.59 -0.14
CA GLY B 184 26.95 -14.03 0.55
C GLY B 184 28.05 -14.62 -0.31
N ALA B 185 27.78 -14.78 -1.60
CA ALA B 185 28.75 -15.31 -2.56
C ALA B 185 28.30 -15.08 -4.01
N SER B 186 29.27 -15.03 -4.90
CA SER B 186 28.99 -14.83 -6.31
C SER B 186 28.73 -16.15 -7.02
N THR B 187 29.30 -17.24 -6.51
CA THR B 187 29.29 -18.50 -7.23
C THR B 187 28.07 -19.38 -6.89
N ASP B 188 27.49 -19.20 -5.71
CA ASP B 188 26.23 -19.87 -5.37
C ASP B 188 25.27 -18.91 -4.67
N ASP B 189 24.14 -19.41 -4.19
CA ASP B 189 23.12 -18.53 -3.65
C ASP B 189 23.08 -18.39 -2.14
N ARG B 190 24.18 -18.69 -1.47
CA ARG B 190 24.21 -18.55 -0.01
C ARG B 190 23.95 -17.10 0.38
N LEU B 191 23.45 -16.88 1.58
CA LEU B 191 23.07 -15.54 1.98
C LEU B 191 23.67 -15.12 3.31
N LEU B 192 23.63 -13.82 3.56
CA LEU B 192 23.81 -13.29 4.91
C LEU B 192 22.47 -12.74 5.41
N LEU B 193 22.13 -13.09 6.65
CA LEU B 193 20.91 -12.61 7.31
C LEU B 193 21.18 -11.63 8.40
N ALA B 194 20.31 -10.64 8.50
CA ALA B 194 20.24 -9.78 9.68
C ALA B 194 19.50 -10.54 10.77
N TRP B 195 20.24 -11.28 11.58
CA TRP B 195 19.67 -12.11 12.62
C TRP B 195 20.51 -11.96 13.89
N PRO B 196 19.87 -12.04 15.08
CA PRO B 196 20.62 -12.02 16.36
C PRO B 196 21.41 -13.32 16.59
N LEU B 197 22.58 -13.27 17.23
CA LEU B 197 23.27 -14.50 17.65
C LEU B 197 23.86 -14.26 19.03
N GLU B 198 25.08 -13.73 19.04
CA GLU B 198 25.82 -13.45 20.26
C GLU B 198 25.84 -11.94 20.55
N GLY B 199 26.84 -11.48 21.31
CA GLY B 199 27.08 -10.07 21.59
C GLY B 199 28.00 -9.18 20.75
N LEU B 200 29.04 -9.74 20.13
CA LEU B 200 29.96 -8.95 19.33
C LEU B 200 29.59 -9.00 17.86
N ALA B 201 28.69 -9.92 17.55
CA ALA B 201 28.23 -10.19 16.19
C ALA B 201 26.85 -9.58 15.92
N SER B 202 26.43 -8.62 16.73
CA SER B 202 25.12 -8.05 16.45
C SER B 202 25.31 -6.97 15.39
N ASN B 203 26.53 -6.49 15.25
CA ASN B 203 26.87 -5.75 14.05
C ASN B 203 27.06 -6.69 12.85
N LEU B 204 27.50 -7.92 13.13
CA LEU B 204 27.71 -8.94 12.11
C LEU B 204 26.40 -9.56 11.59
N TRP B 205 26.46 -10.02 10.35
CA TRP B 205 25.40 -10.75 9.67
C TRP B 205 25.58 -12.27 9.86
N LEU B 206 24.49 -13.02 9.80
CA LEU B 206 24.58 -14.47 9.98
C LEU B 206 24.59 -15.14 8.61
N GLN B 207 25.47 -16.11 8.42
CA GLN B 207 25.50 -16.86 7.17
C GLN B 207 24.28 -17.79 7.03
N ASP B 208 23.67 -17.78 5.86
CA ASP B 208 22.56 -18.69 5.57
C ASP B 208 22.84 -19.59 4.35
N LEU B 209 23.07 -20.88 4.60
CA LEU B 209 23.34 -21.82 3.54
C LEU B 209 22.07 -22.48 2.98
N TYR B 210 20.90 -22.12 3.50
CA TYR B 210 19.67 -22.83 3.14
C TYR B 210 19.45 -22.93 1.62
N PRO B 211 19.60 -21.84 0.87
CA PRO B 211 19.44 -21.95 -0.58
C PRO B 211 20.42 -22.92 -1.29
N VAL B 212 21.67 -22.97 -0.84
CA VAL B 212 22.67 -23.86 -1.43
C VAL B 212 22.34 -25.33 -1.14
N GLU B 213 21.95 -25.58 0.10
CA GLU B 213 21.58 -26.91 0.59
C GLU B 213 20.36 -27.49 -0.14
N THR B 214 19.31 -26.69 -0.27
CA THR B 214 18.08 -27.20 -0.87
C THR B 214 18.26 -27.36 -2.38
N ALA B 215 19.09 -26.50 -2.97
CA ALA B 215 19.44 -26.61 -4.39
C ALA B 215 20.20 -27.90 -4.63
N ARG B 216 21.09 -28.23 -3.69
CA ARG B 216 21.90 -29.43 -3.80
C ARG B 216 21.05 -30.70 -3.69
N LEU B 217 20.14 -30.72 -2.71
CA LEU B 217 19.26 -31.86 -2.50
C LEU B 217 18.28 -32.06 -3.65
N ARG B 218 17.71 -30.96 -4.13
CA ARG B 218 16.83 -31.04 -5.29
C ARG B 218 17.63 -31.59 -6.47
N ALA B 219 18.85 -31.13 -6.62
CA ALA B 219 19.69 -31.60 -7.72
C ALA B 219 19.95 -33.10 -7.59
N LEU B 220 20.31 -33.55 -6.40
CA LEU B 220 20.60 -34.96 -6.17
C LEU B 220 19.35 -35.84 -6.41
N ASP B 221 18.18 -35.37 -5.96
CA ASP B 221 16.97 -36.16 -6.15
C ASP B 221 16.57 -36.19 -7.62
N ASP B 222 16.82 -35.09 -8.34
CA ASP B 222 16.36 -34.97 -9.71
C ASP B 222 17.05 -35.96 -10.63
N GLN B 223 18.26 -36.36 -10.29
CA GLN B 223 18.99 -37.28 -11.15
C GLN B 223 18.51 -38.73 -11.02
N ASP B 224 17.91 -39.09 -9.89
CA ASP B 224 17.40 -40.47 -9.71
C ASP B 224 16.02 -40.60 -9.11
N ALA B 225 15.23 -39.52 -9.15
CA ALA B 225 13.92 -39.49 -8.52
C ALA B 225 14.01 -39.96 -7.06
N GLY B 226 15.08 -39.51 -6.40
CA GLY B 226 15.45 -39.97 -5.08
C GLY B 226 14.56 -39.42 -3.98
N THR B 227 14.75 -39.96 -2.78
CA THR B 227 13.92 -39.58 -1.64
C THR B 227 14.69 -38.81 -0.54
N ARG B 228 15.79 -38.17 -0.93
CA ARG B 228 16.64 -37.45 0.03
C ARG B 228 15.85 -36.36 0.76
N ARG B 229 15.15 -35.52 -0.01
CA ARG B 229 14.30 -34.46 0.53
C ARG B 229 13.16 -35.05 1.34
N ARG B 230 12.67 -36.21 0.90
CA ARG B 230 11.63 -36.91 1.66
C ARG B 230 12.17 -37.41 3.01
N LEU B 231 13.40 -37.92 3.01
CA LEU B 231 14.00 -38.39 4.25
C LEU B 231 14.20 -37.25 5.23
N LEU B 232 14.61 -36.11 4.71
CA LEU B 232 14.83 -34.94 5.54
C LEU B 232 13.54 -34.51 6.26
N LEU B 233 12.41 -34.54 5.55
CA LEU B 233 11.13 -34.19 6.16
C LEU B 233 10.74 -35.19 7.23
N LEU B 234 11.00 -36.46 6.97
CA LEU B 234 10.76 -37.48 7.97
C LEU B 234 11.55 -37.24 9.25
N LEU B 235 12.86 -37.06 9.10
CA LEU B 235 13.75 -36.89 10.26
C LEU B 235 13.31 -35.69 11.07
N CYS B 236 12.89 -34.64 10.37
CA CYS B 236 12.45 -33.41 11.01
C CYS B 236 11.18 -33.63 11.82
N GLY B 237 10.21 -34.31 11.22
CA GLY B 237 8.92 -34.54 11.85
C GLY B 237 9.02 -35.38 13.11
N ILE B 238 9.94 -36.34 13.09
CA ILE B 238 10.19 -37.25 14.21
C ILE B 238 10.92 -36.58 15.38
N CYS B 239 11.96 -35.81 15.07
CA CYS B 239 12.72 -35.09 16.10
C CYS B 239 11.86 -34.06 16.78
N ARG B 240 10.85 -33.57 16.07
CA ARG B 240 9.91 -32.61 16.63
C ARG B 240 9.02 -33.23 17.71
N GLY B 241 8.77 -34.53 17.62
CA GLY B 241 7.95 -35.19 18.62
C GLY B 241 8.56 -35.28 20.01
N HIS B 242 9.89 -35.36 20.09
CA HIS B 242 10.58 -35.59 21.37
C HIS B 242 11.19 -34.33 21.92
N PRO B 243 10.93 -34.05 23.21
CA PRO B 243 11.45 -32.87 23.88
C PRO B 243 12.98 -32.83 23.95
N ALA B 244 13.65 -33.97 24.06
CA ALA B 244 15.11 -33.98 24.05
C ALA B 244 15.66 -33.64 22.65
N LEU B 245 14.93 -33.99 21.59
CA LEU B 245 15.47 -33.83 20.25
C LEU B 245 15.10 -32.54 19.54
N VAL B 246 14.29 -31.70 20.17
CA VAL B 246 13.76 -30.51 19.50
C VAL B 246 14.84 -29.55 19.01
N ARG B 247 16.01 -29.56 19.66
CA ARG B 247 17.10 -28.69 19.22
C ARG B 247 17.66 -29.13 17.88
N LEU B 248 17.50 -30.41 17.54
CA LEU B 248 17.85 -30.89 16.20
C LEU B 248 16.83 -30.39 15.20
N GLY B 249 17.19 -29.33 14.47
CA GLY B 249 16.27 -28.67 13.58
C GLY B 249 16.60 -28.96 12.13
N TRP B 250 16.02 -28.14 11.25
CA TRP B 250 16.14 -28.33 9.82
C TRP B 250 17.60 -28.34 9.35
N SER B 251 18.37 -27.35 9.80
CA SER B 251 19.75 -27.20 9.34
C SER B 251 20.65 -28.32 9.84
N HIS B 252 20.42 -28.78 11.07
CA HIS B 252 21.19 -29.91 11.60
C HIS B 252 20.96 -31.15 10.74
N LEU B 253 19.69 -31.49 10.53
CA LEU B 253 19.39 -32.74 9.84
C LEU B 253 19.67 -32.62 8.34
N THR B 254 19.65 -31.40 7.80
CA THR B 254 20.08 -31.17 6.42
C THR B 254 21.51 -31.70 6.21
N GLN B 255 22.38 -31.44 7.18
CA GLN B 255 23.78 -31.87 7.09
C GLN B 255 23.89 -33.40 7.00
N VAL B 256 23.06 -34.07 7.77
CA VAL B 256 23.02 -35.53 7.75
C VAL B 256 22.62 -36.04 6.38
N VAL B 257 21.55 -35.46 5.85
CA VAL B 257 20.99 -35.89 4.58
C VAL B 257 21.89 -35.52 3.39
N LEU B 258 22.58 -34.38 3.46
CA LEU B 258 23.53 -34.05 2.40
C LEU B 258 24.68 -35.05 2.36
N HIS B 259 25.18 -35.44 3.52
CA HIS B 259 26.26 -36.41 3.60
C HIS B 259 25.85 -37.80 3.04
N LEU B 260 24.67 -38.30 3.45
CA LEU B 260 24.17 -39.59 2.97
C LEU B 260 23.78 -39.49 1.50
N GLY B 261 23.22 -38.34 1.13
CA GLY B 261 22.73 -38.07 -0.22
C GLY B 261 23.79 -38.12 -1.30
N GLU B 262 25.04 -37.88 -0.90
CA GLU B 262 26.19 -37.90 -1.79
C GLU B 262 26.64 -39.33 -2.01
N GLU B 263 26.31 -40.21 -1.09
CA GLU B 263 26.67 -41.62 -1.17
C GLU B 263 25.81 -42.43 -2.15
N GLU B 264 26.40 -43.48 -2.67
CA GLU B 264 25.71 -44.41 -3.56
C GLU B 264 24.97 -45.50 -2.75
N VAL B 265 23.72 -45.19 -2.41
CA VAL B 265 22.86 -46.06 -1.63
C VAL B 265 21.50 -45.96 -2.32
N ALA B 266 20.52 -46.75 -1.90
CA ALA B 266 19.31 -46.94 -2.70
C ALA B 266 18.47 -45.67 -2.99
N TRP B 267 18.05 -44.96 -1.95
CA TRP B 267 17.22 -43.75 -2.10
C TRP B 267 15.87 -43.96 -2.83
N THR B 268 15.38 -45.19 -2.88
CA THR B 268 14.01 -45.44 -3.33
C THR B 268 13.06 -45.31 -2.14
N GLU B 269 11.77 -45.28 -2.41
CA GLU B 269 10.78 -45.30 -1.34
C GLU B 269 10.90 -46.59 -0.52
N GLU B 270 11.26 -47.67 -1.20
CA GLU B 270 11.42 -48.98 -0.59
C GLU B 270 12.52 -49.01 0.46
N ALA B 271 13.59 -48.25 0.22
CA ALA B 271 14.76 -48.24 1.10
C ALA B 271 14.77 -47.04 2.05
N LEU B 272 13.64 -46.34 2.12
CA LEU B 272 13.59 -45.13 2.92
C LEU B 272 13.91 -45.45 4.39
N GLY B 273 13.46 -46.61 4.85
CA GLY B 273 13.71 -47.04 6.22
C GLY B 273 15.18 -47.21 6.50
N GLU B 274 15.91 -47.77 5.54
CA GLU B 274 17.35 -47.96 5.70
C GLU B 274 18.12 -46.65 5.72
N ARG B 275 17.69 -45.70 4.91
CA ARG B 275 18.33 -44.40 4.94
C ARG B 275 18.08 -43.74 6.29
N PHE B 276 16.89 -43.98 6.83
CA PHE B 276 16.52 -43.44 8.11
C PHE B 276 17.44 -43.95 9.21
N LEU B 277 17.68 -45.26 9.19
CA LEU B 277 18.53 -45.86 10.19
C LEU B 277 19.96 -45.38 10.02
N GLN B 278 20.39 -45.25 8.77
CA GLN B 278 21.71 -44.72 8.45
C GLN B 278 21.88 -43.29 8.98
N ALA B 279 20.85 -42.49 8.84
CA ALA B 279 20.86 -41.13 9.36
C ALA B 279 21.07 -41.13 10.87
N LEU B 280 20.37 -42.00 11.58
CA LEU B 280 20.53 -42.06 13.04
C LEU B 280 21.94 -42.46 13.41
N GLU B 281 22.49 -43.44 12.70
CA GLU B 281 23.83 -43.95 12.98
C GLU B 281 24.85 -42.85 12.79
N PHE B 282 24.68 -42.10 11.71
CA PHE B 282 25.56 -40.99 11.40
C PHE B 282 25.44 -39.93 12.47
N LEU B 283 24.21 -39.68 12.92
CA LEU B 283 23.96 -38.70 13.97
C LEU B 283 24.62 -39.05 15.30
N VAL B 284 24.46 -40.29 15.77
CA VAL B 284 25.03 -40.66 17.06
C VAL B 284 26.54 -40.54 16.99
N GLY B 285 27.11 -40.78 15.81
CA GLY B 285 28.54 -40.64 15.61
C GLY B 285 28.98 -39.19 15.70
N SER B 286 28.26 -38.30 15.02
CA SER B 286 28.52 -36.86 15.06
C SER B 286 28.35 -36.33 16.48
N LEU B 287 27.39 -36.89 17.22
CA LEU B 287 27.15 -36.49 18.60
C LEU B 287 28.26 -36.96 19.54
N GLU B 288 28.76 -38.17 19.35
CA GLU B 288 29.80 -38.70 20.24
C GLU B 288 31.12 -37.97 20.05
N GLN B 289 31.28 -37.42 18.84
CA GLN B 289 32.43 -36.60 18.50
C GLN B 289 32.11 -35.12 18.66
N ALA B 290 30.86 -34.84 19.05
CA ALA B 290 30.39 -33.48 19.30
C ALA B 290 30.69 -32.55 18.12
N SER B 291 30.64 -33.11 16.92
CA SER B 291 30.95 -32.37 15.72
C SER B 291 29.94 -32.67 14.65
N LEU B 292 29.24 -31.64 14.19
CA LEU B 292 28.39 -31.76 13.03
C LEU B 292 28.65 -30.58 12.14
N PRO B 293 29.70 -30.65 11.33
CA PRO B 293 30.08 -29.48 10.54
C PRO B 293 29.07 -29.23 9.41
N CYS B 294 29.00 -27.98 8.95
CA CYS B 294 28.14 -27.66 7.83
C CYS B 294 28.71 -28.24 6.55
N HIS B 295 27.85 -28.86 5.76
CA HIS B 295 28.28 -29.47 4.50
C HIS B 295 28.99 -28.47 3.58
N PHE B 296 28.45 -27.25 3.52
CA PHE B 296 28.97 -26.19 2.67
C PHE B 296 29.74 -25.12 3.43
N ASN B 297 29.99 -25.36 4.71
CA ASN B 297 30.91 -24.54 5.50
C ASN B 297 31.45 -25.30 6.71
N PRO B 298 32.46 -26.15 6.50
CA PRO B 298 32.93 -27.09 7.52
C PRO B 298 33.46 -26.42 8.79
N SER B 299 33.87 -25.17 8.67
CA SER B 299 34.36 -24.44 9.84
C SER B 299 33.27 -24.15 10.91
N VAL B 300 31.99 -24.13 10.54
CA VAL B 300 30.99 -23.98 11.60
C VAL B 300 30.51 -25.35 12.10
N ASN B 301 30.56 -25.53 13.42
CA ASN B 301 30.09 -26.74 14.05
C ASN B 301 28.69 -26.57 14.63
N LEU B 302 27.72 -27.23 14.00
CA LEU B 302 26.31 -27.09 14.35
C LEU B 302 25.99 -27.67 15.72
N LEU B 303 26.93 -28.39 16.29
CA LEU B 303 26.78 -28.93 17.65
C LEU B 303 27.57 -28.13 18.67
N GLY B 304 28.23 -27.06 18.20
CA GLY B 304 29.12 -26.28 19.04
C GLY B 304 28.50 -25.59 20.24
N ASN B 305 27.30 -25.04 20.08
CA ASN B 305 26.67 -24.33 21.18
C ASN B 305 25.71 -25.21 21.98
N PHE B 306 25.74 -26.51 21.75
CA PHE B 306 25.00 -27.47 22.57
C PHE B 306 25.79 -27.74 23.84
N ARG B 307 25.13 -27.77 24.99
CA ARG B 307 25.80 -28.14 26.22
C ARG B 307 26.03 -29.64 26.21
N GLU B 308 26.90 -30.10 27.11
CA GLU B 308 27.36 -31.48 27.13
C GLU B 308 26.24 -32.47 27.35
N GLU B 309 25.35 -32.17 28.31
CA GLU B 309 24.27 -33.10 28.63
C GLU B 309 23.26 -33.16 27.49
N GLU B 310 23.02 -32.03 26.85
CA GLU B 310 22.14 -31.98 25.67
C GLU B 310 22.60 -33.00 24.64
N ILE B 311 23.89 -32.93 24.34
CA ILE B 311 24.52 -33.85 23.42
C ILE B 311 24.38 -35.28 23.91
N ASP B 312 24.57 -35.49 25.21
CA ASP B 312 24.47 -36.82 25.78
C ASP B 312 23.06 -37.37 25.70
N ASP B 313 22.06 -36.53 25.94
CA ASP B 313 20.66 -36.98 25.94
C ASP B 313 20.12 -37.19 24.53
N ILE B 314 20.42 -36.25 23.64
CA ILE B 314 20.06 -36.37 22.23
C ILE B 314 20.67 -37.63 21.68
N GLY B 315 21.86 -37.95 22.15
CA GLY B 315 22.57 -39.10 21.66
C GLY B 315 21.84 -40.39 21.97
N TYR B 316 21.44 -40.56 23.21
CA TYR B 316 20.90 -41.84 23.63
C TYR B 316 19.45 -42.03 23.19
N VAL B 317 18.72 -40.93 23.03
CA VAL B 317 17.38 -41.00 22.46
C VAL B 317 17.49 -41.47 21.03
N LEU B 318 18.53 -41.00 20.32
CA LEU B 318 18.70 -41.40 18.94
C LEU B 318 19.32 -42.80 18.87
N TYR B 319 20.15 -43.13 19.87
CA TYR B 319 20.67 -44.48 19.96
C TYR B 319 19.51 -45.42 20.19
N SER B 320 18.50 -44.95 20.94
CA SER B 320 17.42 -45.85 21.37
C SER B 320 16.56 -46.14 20.16
N GLY B 321 16.73 -45.30 19.15
CA GLY B 321 16.04 -45.39 17.88
C GLY B 321 16.52 -46.59 17.10
N LEU B 322 17.83 -46.78 17.11
CA LEU B 322 18.46 -47.86 16.38
C LEU B 322 18.19 -49.17 17.08
N GLN B 323 18.23 -49.12 18.40
CA GLN B 323 17.89 -50.28 19.20
C GLN B 323 16.46 -50.64 18.83
N VAL B 324 15.55 -49.69 19.06
CA VAL B 324 14.12 -49.89 18.89
C VAL B 324 13.44 -48.69 18.25
N PRO B 325 13.23 -48.72 16.93
CA PRO B 325 12.75 -47.58 16.12
C PRO B 325 11.38 -47.02 16.55
N GLU B 326 10.50 -47.84 17.10
CA GLU B 326 9.19 -47.34 17.48
C GLU B 326 9.22 -46.67 18.85
N SER B 327 10.41 -46.55 19.42
CA SER B 327 10.60 -45.69 20.59
C SER B 327 10.53 -44.25 20.11
N LEU B 328 10.74 -44.06 18.80
CA LEU B 328 10.73 -42.74 18.19
C LEU B 328 9.42 -42.47 17.47
N PHE B 329 8.87 -43.50 16.83
CA PHE B 329 7.62 -43.41 16.07
C PHE B 329 6.39 -43.10 16.88
#